data_6ORH
#
_entry.id   6ORH
#
_cell.length_a   69.828
_cell.length_b   98.429
_cell.length_c   79.519
_cell.angle_alpha   90.000
_cell.angle_beta   97.260
_cell.angle_gamma   90.000
#
_symmetry.space_group_name_H-M   'P 1 21 1'
#
loop_
_entity.id
_entity.type
_entity.pdbx_description
1 polymer 'Glycoside hydrolase'
2 branched alpha-L-fucopyranose-(1-2)-beta-D-galactopyranose-(1-4)-[alpha-L-fucopyranose-(1-3)]2-acetamido-2-deoxy-alpha-D-glucopyranose
3 non-polymer 1,2-ETHANEDIOL
4 water water
#
_entity_poly.entity_id   1
_entity_poly.type   'polypeptide(L)'
_entity_poly.pdbx_seq_one_letter_code
;MKKIKPHGPLPSQTQLAYLGDELAAFIHFGPNTFYDQEWGTGQEDPERFNPSQLDAREWVRVLKETGFKKLILVVKHHDG
FVLYPTAHTDYSVKVSPWRRGKGDLLLEVSQAATEFDMDMGVYLSPWDAHSPLYHVDREADYNAYYLAQLKEILSNPNYG
NAGKFAEVWMNGARGEGAQKVNYEFEKWFETIRDLQGDCLIFSTEGTSIRWIGNQRGYAGDPLWQKVNPDKLGTEAELNY
LQHGDPSGTIFSIGEADVSIRPGWFYHEDQDPKSLEELVEIYFHSVGRGTPLLLNIPPNQAGLFDAKDIERLYEFATYRN
ELYKEDLALGAEVSGPALSADFACRHLTDGLETSSWASDADLPIQLELDLGSPKTFDVIELREDLKLGQRIAAFHVQVEV
DGVWQEFGSGHTVGYKRLLRGAVVEAQKIRVVITESQALPLLTKISLYKTP
;
_entity_poly.pdbx_strand_id   A,B
#
loop_
_chem_comp.id
_chem_comp.type
_chem_comp.name
_chem_comp.formula
EDO non-polymer 1,2-ETHANEDIOL 'C2 H6 O2'
FUC L-saccharide, alpha linking alpha-L-fucopyranose 'C6 H12 O5'
GAL D-saccharide, beta linking beta-D-galactopyranose 'C6 H12 O6'
NDG D-saccharide, alpha linking 2-acetamido-2-deoxy-alpha-D-glucopyranose 'C8 H15 N O6'
#
# COMPACT_ATOMS: atom_id res chain seq x y z
N LYS A 3 19.21 -32.08 -3.89
CA LYS A 3 18.09 -31.53 -3.06
C LYS A 3 18.40 -30.08 -2.69
N ILE A 4 17.34 -29.29 -2.61
CA ILE A 4 17.42 -27.94 -2.07
C ILE A 4 17.07 -28.06 -0.59
N LYS A 5 17.89 -27.43 0.26
CA LYS A 5 17.65 -27.44 1.70
C LYS A 5 16.51 -26.47 1.99
N PRO A 6 15.68 -26.73 3.02
CA PRO A 6 14.69 -25.73 3.45
C PRO A 6 15.33 -24.47 4.05
N HIS A 7 14.53 -23.39 4.13
CA HIS A 7 14.98 -22.12 4.64
C HIS A 7 13.90 -21.58 5.59
N GLY A 8 14.34 -21.14 6.78
CA GLY A 8 13.43 -20.47 7.72
C GLY A 8 12.37 -21.41 8.28
N PRO A 9 11.36 -20.88 9.01
CA PRO A 9 10.33 -21.73 9.59
C PRO A 9 9.35 -22.25 8.55
N LEU A 10 9.02 -23.55 8.63
CA LEU A 10 8.21 -24.15 7.57
C LEU A 10 6.75 -24.21 8.00
N PRO A 11 5.80 -24.06 7.05
CA PRO A 11 4.39 -24.16 7.39
C PRO A 11 3.99 -25.61 7.68
N SER A 12 2.99 -25.78 8.54
CA SER A 12 2.34 -27.06 8.74
C SER A 12 1.45 -27.36 7.54
N GLN A 13 0.96 -28.61 7.45
N GLN A 13 0.99 -28.63 7.47
CA GLN A 13 0.05 -28.97 6.37
CA GLN A 13 0.03 -29.07 6.46
C GLN A 13 -1.28 -28.23 6.49
C GLN A 13 -1.26 -28.26 6.51
N THR A 14 -1.76 -28.02 7.74
CA THR A 14 -3.01 -27.31 7.93
C THR A 14 -2.85 -25.84 7.52
N GLN A 15 -1.66 -25.27 7.76
CA GLN A 15 -1.42 -23.90 7.33
C GLN A 15 -1.41 -23.82 5.80
N LEU A 16 -0.72 -24.76 5.14
CA LEU A 16 -0.67 -24.75 3.69
C LEU A 16 -2.07 -24.95 3.13
N ALA A 17 -2.88 -25.75 3.82
CA ALA A 17 -4.20 -26.03 3.29
C ALA A 17 -5.04 -24.76 3.30
N TYR A 18 -4.95 -24.00 4.41
CA TYR A 18 -5.70 -22.76 4.49
C TYR A 18 -5.23 -21.76 3.42
N LEU A 19 -3.89 -21.65 3.23
CA LEU A 19 -3.38 -20.73 2.23
C LEU A 19 -3.94 -21.09 0.85
N GLY A 20 -4.02 -22.39 0.59
CA GLY A 20 -4.55 -22.90 -0.67
C GLY A 20 -6.04 -22.57 -0.85
N ASP A 21 -6.79 -22.61 0.23
CA ASP A 21 -8.23 -22.39 0.21
C ASP A 21 -8.60 -20.92 -0.01
N GLU A 22 -7.82 -19.99 0.58
CA GLU A 22 -7.89 -18.55 0.29
C GLU A 22 -9.05 -17.81 0.97
N LEU A 23 -10.27 -18.37 0.98
CA LEU A 23 -11.43 -17.58 1.36
C LEU A 23 -12.18 -18.29 2.48
N ALA A 24 -12.42 -17.54 3.55
CA ALA A 24 -13.15 -18.03 4.72
C ALA A 24 -14.20 -17.00 5.06
N ALA A 25 -15.32 -17.47 5.59
CA ALA A 25 -16.39 -16.58 5.99
C ALA A 25 -16.48 -16.53 7.51
N PHE A 26 -16.82 -15.36 8.06
CA PHE A 26 -17.07 -15.18 9.48
C PHE A 26 -18.57 -14.94 9.65
N ILE A 27 -19.16 -15.47 10.74
CA ILE A 27 -20.55 -15.15 11.03
C ILE A 27 -20.62 -14.61 12.46
N HIS A 28 -20.97 -13.30 12.59
CA HIS A 28 -21.30 -12.68 13.87
C HIS A 28 -22.82 -12.54 13.94
N PHE A 29 -23.42 -13.25 14.89
CA PHE A 29 -24.87 -13.23 15.10
C PHE A 29 -25.12 -13.51 16.56
N GLY A 30 -26.14 -12.85 17.14
CA GLY A 30 -26.45 -13.13 18.53
C GLY A 30 -27.33 -12.03 19.10
N PRO A 31 -27.37 -11.87 20.43
CA PRO A 31 -28.11 -10.78 21.07
C PRO A 31 -27.80 -9.41 20.48
N ASN A 32 -26.54 -9.14 20.11
CA ASN A 32 -26.20 -7.85 19.54
C ASN A 32 -27.03 -7.55 18.30
N THR A 33 -27.40 -8.58 17.54
CA THR A 33 -28.19 -8.38 16.32
C THR A 33 -29.55 -7.80 16.71
N PHE A 34 -30.08 -8.25 17.85
CA PHE A 34 -31.40 -7.83 18.30
C PHE A 34 -31.35 -6.50 19.06
N TYR A 35 -30.17 -6.17 19.61
CA TYR A 35 -30.01 -4.90 20.31
C TYR A 35 -29.38 -3.83 19.43
N ASP A 36 -29.10 -4.15 18.15
CA ASP A 36 -28.58 -3.18 17.19
C ASP A 36 -27.32 -2.51 17.77
N GLN A 37 -26.33 -3.33 18.14
CA GLN A 37 -25.12 -2.87 18.79
C GLN A 37 -23.96 -3.77 18.38
N GLU A 38 -22.72 -3.31 18.66
CA GLU A 38 -21.51 -4.03 18.24
C GLU A 38 -20.94 -4.82 19.41
N TRP A 39 -21.05 -4.27 20.63
CA TRP A 39 -20.63 -4.99 21.83
C TRP A 39 -21.81 -5.03 22.80
N GLY A 40 -21.93 -6.14 23.52
CA GLY A 40 -22.99 -6.30 24.51
C GLY A 40 -22.42 -6.34 25.92
N THR A 41 -23.29 -6.25 26.93
CA THR A 41 -22.82 -6.05 28.29
C THR A 41 -22.98 -7.32 29.13
N GLY A 42 -23.76 -8.28 28.62
CA GLY A 42 -24.11 -9.48 29.35
C GLY A 42 -25.41 -9.28 30.12
N GLN A 43 -25.99 -8.08 29.98
CA GLN A 43 -27.29 -7.76 30.57
C GLN A 43 -28.43 -7.94 29.57
N GLU A 44 -28.11 -8.33 28.33
CA GLU A 44 -29.13 -8.54 27.31
C GLU A 44 -30.10 -9.63 27.75
N ASP A 45 -31.36 -9.43 27.38
CA ASP A 45 -32.45 -10.31 27.79
C ASP A 45 -32.56 -11.46 26.78
N PRO A 46 -32.34 -12.73 27.20
CA PRO A 46 -32.47 -13.88 26.29
C PRO A 46 -33.82 -13.96 25.59
N GLU A 47 -34.87 -13.34 26.16
N GLU A 47 -34.86 -13.33 26.17
CA GLU A 47 -36.18 -13.41 25.51
CA GLU A 47 -36.19 -13.32 25.56
C GLU A 47 -36.17 -12.66 24.17
C GLU A 47 -36.13 -12.70 24.17
N ARG A 48 -35.22 -11.74 23.97
CA ARG A 48 -35.15 -10.97 22.73
C ARG A 48 -34.54 -11.81 21.60
N PHE A 49 -33.87 -12.92 21.95
CA PHE A 49 -33.21 -13.75 20.95
C PHE A 49 -34.24 -14.72 20.34
N ASN A 50 -34.85 -14.32 19.22
CA ASN A 50 -35.86 -15.15 18.55
C ASN A 50 -35.86 -14.97 17.03
N PRO A 51 -34.79 -15.43 16.33
CA PRO A 51 -34.78 -15.44 14.87
C PRO A 51 -35.61 -16.60 14.29
N SER A 52 -36.92 -16.38 14.16
CA SER A 52 -37.82 -17.48 13.84
C SER A 52 -37.68 -17.98 12.41
N GLN A 53 -37.06 -17.18 11.53
CA GLN A 53 -36.91 -17.64 10.16
C GLN A 53 -35.50 -18.17 9.90
N LEU A 54 -34.72 -18.44 10.97
CA LEU A 54 -33.31 -18.76 10.75
C LEU A 54 -33.14 -20.03 9.91
N ASP A 55 -32.25 -19.94 8.93
CA ASP A 55 -32.00 -21.06 8.03
C ASP A 55 -30.48 -21.18 7.83
N ALA A 56 -29.84 -21.98 8.73
CA ALA A 56 -28.40 -22.13 8.68
C ALA A 56 -27.94 -22.80 7.39
N ARG A 57 -28.78 -23.66 6.81
CA ARG A 57 -28.42 -24.29 5.55
C ARG A 57 -28.28 -23.23 4.45
N GLU A 58 -29.12 -22.19 4.47
CA GLU A 58 -29.00 -21.12 3.48
C GLU A 58 -27.70 -20.35 3.68
N TRP A 59 -27.26 -20.18 4.94
CA TRP A 59 -25.99 -19.51 5.15
C TRP A 59 -24.90 -20.33 4.47
N VAL A 60 -24.87 -21.64 4.77
CA VAL A 60 -23.83 -22.48 4.22
C VAL A 60 -23.93 -22.59 2.70
N ARG A 61 -25.16 -22.78 2.17
CA ARG A 61 -25.31 -22.96 0.72
C ARG A 61 -24.75 -21.75 -0.03
N VAL A 62 -25.13 -20.55 0.40
CA VAL A 62 -24.71 -19.33 -0.29
C VAL A 62 -23.20 -19.19 -0.17
N LEU A 63 -22.66 -19.43 1.03
CA LEU A 63 -21.20 -19.34 1.16
C LEU A 63 -20.48 -20.36 0.27
N LYS A 64 -20.99 -21.59 0.20
N LYS A 64 -20.99 -21.59 0.17
CA LYS A 64 -20.37 -22.63 -0.62
CA LYS A 64 -20.28 -22.56 -0.64
C LYS A 64 -20.42 -22.20 -2.08
C LYS A 64 -20.41 -22.21 -2.12
N GLU A 65 -21.60 -21.74 -2.51
CA GLU A 65 -21.80 -21.39 -3.92
C GLU A 65 -20.97 -20.18 -4.32
N THR A 66 -20.56 -19.35 -3.34
CA THR A 66 -19.83 -18.13 -3.68
C THR A 66 -18.34 -18.25 -3.33
N GLY A 67 -17.87 -19.49 -3.10
CA GLY A 67 -16.43 -19.83 -3.15
C GLY A 67 -15.72 -19.89 -1.79
N PHE A 68 -16.47 -19.77 -0.69
CA PHE A 68 -15.88 -19.83 0.64
C PHE A 68 -15.63 -21.29 1.01
N LYS A 69 -14.50 -21.57 1.69
CA LYS A 69 -14.05 -22.92 1.98
C LYS A 69 -14.08 -23.22 3.48
N LYS A 70 -14.40 -22.19 4.28
CA LYS A 70 -14.43 -22.33 5.72
C LYS A 70 -15.40 -21.30 6.27
N LEU A 71 -16.12 -21.69 7.32
CA LEU A 71 -17.10 -20.83 8.00
C LEU A 71 -16.73 -20.80 9.48
N ILE A 72 -16.34 -19.59 9.97
CA ILE A 72 -16.03 -19.40 11.38
C ILE A 72 -17.23 -18.79 12.09
N LEU A 73 -17.84 -19.57 13.00
CA LEU A 73 -19.07 -19.18 13.67
C LEU A 73 -18.77 -18.64 15.05
N VAL A 74 -19.29 -17.43 15.33
CA VAL A 74 -19.32 -16.94 16.71
C VAL A 74 -20.34 -17.76 17.50
N VAL A 75 -19.88 -18.43 18.57
CA VAL A 75 -20.83 -19.14 19.43
C VAL A 75 -20.93 -18.47 20.79
N LYS A 76 -20.01 -17.56 21.08
CA LYS A 76 -20.12 -16.71 22.26
C LYS A 76 -19.32 -15.46 22.02
N HIS A 77 -20.01 -14.30 21.96
CA HIS A 77 -19.27 -13.05 21.80
C HIS A 77 -18.93 -12.49 23.17
N HIS A 78 -18.43 -11.24 23.24
CA HIS A 78 -17.97 -10.71 24.52
C HIS A 78 -19.11 -10.63 25.55
N ASP A 79 -20.35 -10.49 25.09
CA ASP A 79 -21.50 -10.41 25.97
C ASP A 79 -21.72 -11.71 26.75
N GLY A 80 -21.14 -12.83 26.30
CA GLY A 80 -21.13 -14.06 27.08
C GLY A 80 -22.34 -14.97 26.84
N PHE A 81 -23.26 -14.57 25.99
CA PHE A 81 -24.41 -15.42 25.68
C PHE A 81 -23.99 -16.56 24.73
N VAL A 82 -24.28 -17.81 25.14
CA VAL A 82 -23.76 -18.98 24.45
C VAL A 82 -24.84 -19.50 23.49
N LEU A 83 -24.47 -19.79 22.22
CA LEU A 83 -25.46 -20.05 21.18
C LEU A 83 -25.63 -21.55 20.93
N TYR A 84 -25.12 -22.37 21.86
CA TYR A 84 -25.40 -23.80 21.88
C TYR A 84 -25.75 -24.13 23.32
N PRO A 85 -26.49 -25.24 23.59
CA PRO A 85 -26.90 -25.58 24.94
C PRO A 85 -25.83 -26.17 25.86
N THR A 86 -24.85 -25.31 26.19
CA THR A 86 -23.76 -25.70 27.05
C THR A 86 -24.29 -26.16 28.41
N ALA A 87 -23.52 -27.07 29.02
CA ALA A 87 -23.83 -27.52 30.38
C ALA A 87 -23.35 -26.51 31.41
N HIS A 88 -22.59 -25.48 30.99
CA HIS A 88 -21.68 -24.80 31.92
C HIS A 88 -22.14 -23.40 32.33
N THR A 89 -23.18 -22.88 31.68
CA THR A 89 -23.82 -21.64 32.10
C THR A 89 -25.31 -21.72 31.80
N ASP A 90 -26.12 -20.95 32.54
CA ASP A 90 -27.52 -20.80 32.17
C ASP A 90 -27.73 -19.71 31.12
N TYR A 91 -26.67 -18.94 30.81
CA TYR A 91 -26.84 -17.81 29.90
C TYR A 91 -26.63 -18.27 28.46
N SER A 92 -27.64 -18.96 27.92
CA SER A 92 -27.51 -19.61 26.62
C SER A 92 -28.88 -19.67 25.95
N VAL A 93 -28.88 -20.20 24.73
CA VAL A 93 -30.09 -20.42 23.96
C VAL A 93 -31.11 -21.26 24.73
N LYS A 94 -30.67 -22.01 25.75
CA LYS A 94 -31.61 -22.82 26.52
C LYS A 94 -32.72 -21.97 27.14
N VAL A 95 -32.44 -20.69 27.44
CA VAL A 95 -33.43 -19.85 28.09
C VAL A 95 -34.02 -18.84 27.11
N SER A 96 -33.79 -19.04 25.80
CA SER A 96 -34.36 -18.16 24.80
C SER A 96 -35.59 -18.82 24.19
N PRO A 97 -36.53 -18.06 23.60
CA PRO A 97 -37.68 -18.68 22.94
C PRO A 97 -37.38 -19.33 21.60
N TRP A 98 -36.20 -19.06 21.05
CA TRP A 98 -35.85 -19.66 19.77
C TRP A 98 -35.97 -21.18 19.88
N ARG A 99 -36.63 -21.83 18.91
CA ARG A 99 -36.80 -23.29 18.91
C ARG A 99 -37.37 -23.80 20.24
N ARG A 100 -38.17 -22.94 20.91
N ARG A 100 -38.16 -22.94 20.91
CA ARG A 100 -38.77 -23.23 22.20
CA ARG A 100 -38.78 -23.21 22.20
C ARG A 100 -37.74 -23.70 23.23
C ARG A 100 -37.77 -23.65 23.25
N GLY A 101 -36.56 -23.06 23.22
CA GLY A 101 -35.54 -23.35 24.21
C GLY A 101 -34.66 -24.55 23.85
N LYS A 102 -34.94 -25.23 22.73
CA LYS A 102 -34.29 -26.49 22.40
C LYS A 102 -33.36 -26.31 21.21
N GLY A 103 -32.95 -25.07 20.98
CA GLY A 103 -32.16 -24.68 19.81
C GLY A 103 -30.66 -24.88 20.03
N ASP A 104 -29.96 -25.15 18.94
CA ASP A 104 -28.51 -25.30 19.03
C ASP A 104 -27.93 -24.80 17.71
N LEU A 105 -27.40 -23.56 17.71
CA LEU A 105 -27.00 -22.95 16.45
C LEU A 105 -25.74 -23.64 15.93
N LEU A 106 -24.86 -24.07 16.85
CA LEU A 106 -23.66 -24.78 16.43
C LEU A 106 -24.03 -26.08 15.72
N LEU A 107 -25.05 -26.79 16.24
CA LEU A 107 -25.50 -28.01 15.56
C LEU A 107 -26.10 -27.68 14.20
N GLU A 108 -26.99 -26.67 14.11
CA GLU A 108 -27.66 -26.37 12.85
C GLU A 108 -26.63 -26.02 11.77
N VAL A 109 -25.64 -25.20 12.14
CA VAL A 109 -24.61 -24.83 11.17
C VAL A 109 -23.77 -26.06 10.80
N SER A 110 -23.42 -26.87 11.81
CA SER A 110 -22.57 -28.02 11.62
C SER A 110 -23.23 -29.04 10.68
N GLN A 111 -24.55 -29.22 10.82
CA GLN A 111 -25.25 -30.18 9.96
C GLN A 111 -25.13 -29.73 8.51
N ALA A 112 -25.42 -28.43 8.27
CA ALA A 112 -25.30 -27.87 6.92
C ALA A 112 -23.86 -27.91 6.40
N ALA A 113 -22.89 -27.48 7.23
CA ALA A 113 -21.51 -27.56 6.80
C ALA A 113 -21.11 -28.98 6.42
N THR A 114 -21.56 -29.97 7.20
CA THR A 114 -21.20 -31.35 6.86
C THR A 114 -21.77 -31.72 5.47
N GLU A 115 -23.02 -31.34 5.25
CA GLU A 115 -23.66 -31.64 3.97
C GLU A 115 -22.90 -31.03 2.80
N PHE A 116 -22.40 -29.81 2.99
CA PHE A 116 -21.77 -29.05 1.92
C PHE A 116 -20.24 -29.20 1.93
N ASP A 117 -19.70 -30.02 2.85
CA ASP A 117 -18.25 -30.14 3.01
C ASP A 117 -17.64 -28.75 3.13
N MET A 118 -18.21 -27.95 4.04
CA MET A 118 -17.74 -26.63 4.40
C MET A 118 -16.95 -26.77 5.70
N ASP A 119 -15.63 -26.49 5.65
CA ASP A 119 -14.86 -26.56 6.89
C ASP A 119 -15.37 -25.56 7.91
N MET A 120 -15.19 -25.90 9.20
N MET A 120 -15.15 -25.86 9.19
CA MET A 120 -15.76 -25.14 10.32
CA MET A 120 -15.72 -25.02 10.22
C MET A 120 -14.67 -24.51 11.19
C MET A 120 -14.71 -24.54 11.25
N GLY A 121 -14.94 -23.28 11.65
CA GLY A 121 -14.20 -22.67 12.75
C GLY A 121 -15.17 -22.24 13.84
N VAL A 122 -14.62 -22.05 15.04
CA VAL A 122 -15.47 -21.66 16.15
C VAL A 122 -14.79 -20.52 16.90
N TYR A 123 -15.58 -19.48 17.18
CA TYR A 123 -15.12 -18.28 17.89
C TYR A 123 -15.79 -18.29 19.25
N LEU A 124 -14.96 -18.36 20.30
CA LEU A 124 -15.44 -18.39 21.68
C LEU A 124 -14.71 -17.28 22.43
N SER A 125 -15.42 -16.20 22.75
CA SER A 125 -14.72 -15.03 23.26
C SER A 125 -13.98 -15.28 24.59
N PRO A 126 -12.65 -15.01 24.71
CA PRO A 126 -12.00 -15.05 26.02
C PRO A 126 -12.60 -14.03 26.99
N TRP A 127 -12.70 -12.76 26.57
CA TRP A 127 -13.39 -11.78 27.42
C TRP A 127 -14.87 -12.18 27.54
N ASP A 128 -15.36 -12.29 28.79
CA ASP A 128 -16.75 -12.64 29.02
C ASP A 128 -17.35 -11.63 30.00
N ALA A 129 -18.23 -10.77 29.48
CA ALA A 129 -18.84 -9.68 30.25
C ALA A 129 -20.01 -10.16 31.09
N HIS A 130 -20.47 -11.41 30.89
CA HIS A 130 -21.57 -11.98 31.67
C HIS A 130 -21.07 -12.77 32.88
N SER A 131 -20.11 -13.66 32.67
CA SER A 131 -19.79 -14.72 33.61
C SER A 131 -19.37 -14.12 34.96
N PRO A 132 -19.98 -14.60 36.07
CA PRO A 132 -19.53 -14.20 37.41
C PRO A 132 -18.10 -14.65 37.74
N LEU A 133 -17.53 -15.54 36.92
CA LEU A 133 -16.20 -16.09 37.16
C LEU A 133 -15.15 -15.19 36.51
N TYR A 134 -15.58 -14.24 35.68
CA TYR A 134 -14.64 -13.38 34.95
C TYR A 134 -14.10 -12.29 35.88
N HIS A 135 -13.11 -12.69 36.67
CA HIS A 135 -12.52 -11.84 37.69
C HIS A 135 -11.14 -12.38 38.04
N VAL A 136 -10.21 -11.47 38.33
N VAL A 136 -10.22 -11.47 38.31
CA VAL A 136 -8.87 -11.89 38.72
CA VAL A 136 -8.87 -11.85 38.72
C VAL A 136 -8.91 -12.84 39.91
C VAL A 136 -8.92 -12.82 39.90
N ASP A 137 -9.88 -12.64 40.82
CA ASP A 137 -9.95 -13.47 42.02
C ASP A 137 -10.52 -14.86 41.73
N ARG A 138 -11.11 -15.03 40.54
CA ARG A 138 -11.76 -16.29 40.20
C ARG A 138 -11.22 -16.81 38.87
N GLU A 139 -9.99 -16.41 38.52
CA GLU A 139 -9.60 -16.64 37.12
C GLU A 139 -9.33 -18.13 36.88
N ALA A 140 -8.92 -18.87 37.91
CA ALA A 140 -8.79 -20.30 37.69
C ALA A 140 -10.14 -20.91 37.31
N ASP A 141 -11.20 -20.45 37.97
CA ASP A 141 -12.54 -20.96 37.68
C ASP A 141 -12.97 -20.51 36.28
N TYR A 142 -12.62 -19.28 35.88
CA TYR A 142 -13.05 -18.82 34.56
C TYR A 142 -12.34 -19.65 33.49
N ASN A 143 -11.03 -19.87 33.71
CA ASN A 143 -10.27 -20.68 32.77
C ASN A 143 -10.88 -22.09 32.64
N ALA A 144 -11.32 -22.69 33.76
CA ALA A 144 -11.94 -24.00 33.70
C ALA A 144 -13.26 -23.99 32.93
N TYR A 145 -14.02 -22.89 33.05
CA TYR A 145 -15.26 -22.69 32.31
C TYR A 145 -14.95 -22.66 30.80
N TYR A 146 -13.97 -21.82 30.45
CA TYR A 146 -13.58 -21.68 29.03
C TYR A 146 -13.16 -23.03 28.46
N LEU A 147 -12.28 -23.73 29.19
CA LEU A 147 -11.72 -25.01 28.77
C LEU A 147 -12.83 -26.05 28.65
N ALA A 148 -13.73 -26.10 29.62
CA ALA A 148 -14.86 -27.03 29.53
C ALA A 148 -15.69 -26.77 28.28
N GLN A 149 -15.84 -25.51 27.86
CA GLN A 149 -16.61 -25.24 26.65
C GLN A 149 -15.82 -25.69 25.42
N LEU A 150 -14.50 -25.43 25.40
CA LEU A 150 -13.67 -25.97 24.32
C LEU A 150 -13.93 -27.47 24.18
N LYS A 151 -13.95 -28.20 25.32
CA LYS A 151 -14.13 -29.65 25.28
C LYS A 151 -15.51 -30.00 24.74
N GLU A 152 -16.55 -29.30 25.19
CA GLU A 152 -17.90 -29.55 24.70
C GLU A 152 -17.98 -29.38 23.19
N ILE A 153 -17.29 -28.36 22.68
CA ILE A 153 -17.45 -28.02 21.28
C ILE A 153 -16.63 -28.98 20.43
N LEU A 154 -15.40 -29.25 20.89
CA LEU A 154 -14.41 -29.88 20.03
C LEU A 154 -14.38 -31.41 20.17
N SER A 155 -15.16 -31.97 21.11
CA SER A 155 -15.20 -33.43 21.28
C SER A 155 -16.48 -34.06 20.75
N ASN A 156 -17.42 -33.26 20.24
CA ASN A 156 -18.76 -33.74 19.89
C ASN A 156 -18.80 -34.06 18.39
N PRO A 157 -19.01 -35.32 17.95
CA PRO A 157 -18.98 -35.65 16.54
C PRO A 157 -20.05 -34.93 15.72
N ASN A 158 -21.06 -34.37 16.38
CA ASN A 158 -22.14 -33.69 15.67
C ASN A 158 -21.79 -32.21 15.42
N TYR A 159 -20.65 -31.76 15.96
CA TYR A 159 -20.23 -30.38 15.69
C TYR A 159 -19.05 -30.38 14.74
N GLY A 160 -18.93 -29.34 13.90
CA GLY A 160 -17.84 -29.30 12.94
C GLY A 160 -18.30 -29.86 11.61
N ASN A 161 -17.34 -29.97 10.69
CA ASN A 161 -17.55 -30.62 9.41
C ASN A 161 -17.24 -32.09 9.65
N ALA A 162 -18.30 -32.93 9.80
CA ALA A 162 -18.13 -34.35 10.13
C ALA A 162 -17.24 -34.51 11.35
N GLY A 163 -17.51 -33.70 12.38
CA GLY A 163 -16.81 -33.80 13.64
C GLY A 163 -15.46 -33.07 13.68
N LYS A 164 -15.09 -32.41 12.57
CA LYS A 164 -13.76 -31.83 12.49
C LYS A 164 -13.88 -30.32 12.52
N PHE A 165 -13.00 -29.67 13.33
CA PHE A 165 -12.82 -28.23 13.25
C PHE A 165 -11.45 -27.88 12.67
N ALA A 166 -11.47 -26.84 11.81
CA ALA A 166 -10.28 -26.35 11.12
C ALA A 166 -9.64 -25.14 11.81
N GLU A 167 -10.41 -24.41 12.64
CA GLU A 167 -9.86 -23.21 13.24
C GLU A 167 -10.60 -22.88 14.53
N VAL A 168 -9.85 -22.47 15.56
CA VAL A 168 -10.45 -21.95 16.79
C VAL A 168 -10.02 -20.49 16.91
N TRP A 169 -10.99 -19.59 17.22
CA TRP A 169 -10.71 -18.16 17.28
C TRP A 169 -10.78 -17.68 18.72
N MET A 170 -9.65 -17.09 19.19
CA MET A 170 -9.56 -16.50 20.52
C MET A 170 -9.31 -15.00 20.38
N ASN A 171 -10.40 -14.24 20.29
CA ASN A 171 -10.31 -12.79 20.09
C ASN A 171 -9.50 -12.16 21.21
N GLY A 172 -8.62 -11.18 20.88
CA GLY A 172 -7.82 -10.56 21.94
C GLY A 172 -8.48 -9.31 22.57
N ALA A 173 -9.68 -8.93 22.10
CA ALA A 173 -10.31 -7.67 22.52
C ALA A 173 -10.88 -7.77 23.93
N ARG A 174 -10.65 -6.71 24.74
CA ARG A 174 -11.29 -6.60 26.04
C ARG A 174 -11.54 -5.12 26.34
N GLY A 175 -12.70 -4.82 26.91
CA GLY A 175 -13.06 -3.43 27.18
C GLY A 175 -12.17 -2.84 28.27
N GLU A 176 -11.99 -1.51 28.17
N GLU A 176 -11.92 -1.52 28.27
CA GLU A 176 -11.47 -0.66 29.24
CA GLU A 176 -10.88 -0.98 29.14
C GLU A 176 -12.32 -0.90 30.50
C GLU A 176 -11.21 -1.13 30.64
N GLY A 177 -11.64 -1.21 31.60
N GLY A 177 -12.50 -1.22 31.00
CA GLY A 177 -12.34 -1.40 32.86
CA GLY A 177 -12.91 -1.31 32.39
C GLY A 177 -12.98 -2.79 33.02
C GLY A 177 -12.86 -2.72 32.97
N ALA A 178 -12.71 -3.70 32.08
CA ALA A 178 -12.95 -5.11 32.39
C ALA A 178 -11.89 -5.66 33.33
N GLN A 179 -12.22 -6.75 34.02
CA GLN A 179 -11.28 -7.45 34.88
C GLN A 179 -10.09 -7.96 34.07
N LYS A 180 -8.88 -7.89 34.64
CA LYS A 180 -7.66 -8.26 33.92
C LYS A 180 -7.33 -9.73 34.11
N VAL A 181 -8.26 -10.59 33.67
CA VAL A 181 -8.11 -12.04 33.77
C VAL A 181 -6.95 -12.47 32.86
N ASN A 182 -6.16 -13.42 33.36
CA ASN A 182 -5.09 -14.03 32.58
C ASN A 182 -5.54 -15.44 32.18
N TYR A 183 -5.19 -15.84 30.95
CA TYR A 183 -5.71 -17.08 30.38
C TYR A 183 -4.66 -18.19 30.41
N GLU A 184 -5.13 -19.42 30.64
CA GLU A 184 -4.28 -20.59 30.66
C GLU A 184 -4.10 -21.09 29.22
N PHE A 185 -3.42 -20.28 28.40
CA PHE A 185 -3.35 -20.56 26.96
C PHE A 185 -2.79 -21.95 26.67
N GLU A 186 -1.69 -22.32 27.31
CA GLU A 186 -1.06 -23.61 27.00
C GLU A 186 -1.99 -24.78 27.27
N LYS A 187 -2.75 -24.74 28.36
CA LYS A 187 -3.70 -25.79 28.68
C LYS A 187 -4.80 -25.83 27.63
N TRP A 188 -5.25 -24.64 27.19
CA TRP A 188 -6.25 -24.60 26.13
C TRP A 188 -5.71 -25.23 24.85
N PHE A 189 -4.47 -24.88 24.49
CA PHE A 189 -3.90 -25.34 23.22
C PHE A 189 -3.72 -26.86 23.27
N GLU A 190 -3.34 -27.37 24.45
N GLU A 190 -3.34 -27.38 24.45
CA GLU A 190 -3.18 -28.80 24.64
CA GLU A 190 -3.17 -28.81 24.61
C GLU A 190 -4.47 -29.54 24.35
C GLU A 190 -4.48 -29.55 24.35
N THR A 191 -5.59 -29.04 24.91
CA THR A 191 -6.90 -29.66 24.72
C THR A 191 -7.29 -29.60 23.24
N ILE A 192 -7.03 -28.44 22.61
CA ILE A 192 -7.37 -28.31 21.18
C ILE A 192 -6.64 -29.37 20.37
N ARG A 193 -5.36 -29.60 20.68
N ARG A 193 -5.37 -29.63 20.72
CA ARG A 193 -4.62 -30.63 19.96
CA ARG A 193 -4.59 -30.61 19.96
C ARG A 193 -5.22 -32.01 20.27
C ARG A 193 -5.01 -32.04 20.30
N ASP A 194 -5.46 -32.27 21.55
CA ASP A 194 -5.94 -33.58 21.96
C ASP A 194 -7.21 -33.94 21.19
N LEU A 195 -8.06 -32.93 20.94
CA LEU A 195 -9.37 -33.21 20.35
C LEU A 195 -9.41 -32.99 18.84
N GLN A 196 -8.52 -32.14 18.32
CA GLN A 196 -8.61 -31.69 16.93
C GLN A 196 -7.26 -31.64 16.22
N GLY A 197 -6.21 -32.22 16.81
CA GLY A 197 -4.93 -32.35 16.11
C GLY A 197 -4.33 -30.99 15.73
N ASP A 198 -3.96 -30.80 14.46
CA ASP A 198 -3.27 -29.56 14.12
C ASP A 198 -4.26 -28.48 13.65
N CYS A 199 -5.50 -28.55 14.16
CA CYS A 199 -6.47 -27.46 14.04
C CYS A 199 -5.78 -26.10 14.23
N LEU A 200 -6.01 -25.15 13.31
CA LEU A 200 -5.39 -23.83 13.40
C LEU A 200 -5.97 -23.05 14.58
N ILE A 201 -5.15 -22.17 15.19
CA ILE A 201 -5.67 -21.33 16.28
C ILE A 201 -5.29 -19.87 16.01
N PHE A 202 -6.31 -19.01 16.00
CA PHE A 202 -6.11 -17.56 16.00
C PHE A 202 -6.10 -17.09 17.45
N SER A 203 -5.01 -16.42 17.85
CA SER A 203 -4.91 -15.87 19.21
C SER A 203 -3.89 -14.73 19.18
N THR A 204 -3.74 -14.06 20.33
CA THR A 204 -2.71 -13.06 20.54
C THR A 204 -1.34 -13.67 20.78
N GLU A 205 -1.27 -15.00 20.96
CA GLU A 205 -0.03 -15.69 21.35
C GLU A 205 0.58 -16.37 20.12
N GLY A 206 1.64 -17.15 20.35
CA GLY A 206 2.36 -17.65 19.18
C GLY A 206 1.76 -18.90 18.56
N THR A 207 0.50 -18.78 18.10
CA THR A 207 -0.21 -19.89 17.47
C THR A 207 -0.04 -19.83 15.96
N SER A 208 -0.76 -20.71 15.24
CA SER A 208 -0.55 -20.86 13.81
C SER A 208 -1.15 -19.71 13.01
N ILE A 209 -2.11 -18.98 13.58
CA ILE A 209 -2.72 -17.81 12.94
C ILE A 209 -2.54 -16.59 13.85
N ARG A 210 -2.15 -15.43 13.28
CA ARG A 210 -2.13 -14.17 14.00
C ARG A 210 -3.10 -13.20 13.32
N TRP A 211 -3.43 -12.13 14.05
CA TRP A 211 -4.16 -11.04 13.45
C TRP A 211 -3.24 -10.25 12.50
N ILE A 212 -3.78 -9.77 11.37
CA ILE A 212 -3.00 -8.95 10.44
C ILE A 212 -2.80 -7.52 10.97
N GLY A 213 -3.53 -7.13 12.02
CA GLY A 213 -3.32 -5.86 12.70
C GLY A 213 -4.30 -4.76 12.29
N ASN A 214 -5.26 -5.13 11.43
CA ASN A 214 -6.34 -4.20 11.09
C ASN A 214 -7.58 -5.01 10.72
N GLN A 215 -8.73 -4.32 10.60
N GLN A 215 -8.74 -4.33 10.67
CA GLN A 215 -9.96 -4.98 10.19
CA GLN A 215 -9.96 -5.02 10.26
C GLN A 215 -10.41 -4.42 8.85
C GLN A 215 -10.44 -4.46 8.92
N ARG A 216 -9.44 -3.99 8.02
N ARG A 216 -9.46 -4.07 8.08
CA ARG A 216 -9.69 -3.41 6.71
CA ARG A 216 -9.73 -3.44 6.79
C ARG A 216 -9.46 -4.41 5.58
C ARG A 216 -9.46 -4.39 5.62
N GLY A 217 -8.95 -5.59 5.92
CA GLY A 217 -8.60 -6.58 4.92
C GLY A 217 -7.27 -6.27 4.22
N TYR A 218 -6.38 -5.58 4.95
CA TYR A 218 -5.14 -5.12 4.33
C TYR A 218 -3.93 -5.82 4.92
N ALA A 219 -3.26 -6.65 4.12
CA ALA A 219 -1.96 -7.19 4.48
C ALA A 219 -0.88 -6.25 3.95
N GLY A 220 0.23 -6.19 4.68
CA GLY A 220 1.33 -5.33 4.25
C GLY A 220 2.14 -5.91 3.08
N ASP A 221 2.97 -5.03 2.51
CA ASP A 221 4.04 -5.45 1.62
C ASP A 221 5.30 -4.81 2.20
N PRO A 222 6.24 -5.58 2.76
CA PRO A 222 6.26 -7.05 2.69
C PRO A 222 5.23 -7.71 3.59
N LEU A 223 4.85 -8.94 3.25
CA LEU A 223 4.17 -9.82 4.20
C LEU A 223 4.99 -11.08 4.36
N TRP A 224 5.76 -11.14 5.47
CA TRP A 224 6.40 -12.38 5.91
C TRP A 224 5.40 -13.17 6.76
N GLN A 225 5.11 -14.41 6.34
CA GLN A 225 4.18 -15.25 7.09
C GLN A 225 4.95 -15.98 8.18
N LYS A 226 5.54 -15.19 9.08
CA LYS A 226 6.39 -15.73 10.16
C LYS A 226 6.58 -14.60 11.16
N VAL A 227 6.74 -14.98 12.45
CA VAL A 227 6.95 -14.03 13.54
C VAL A 227 7.76 -14.73 14.62
N ASN A 228 8.25 -13.95 15.60
CA ASN A 228 8.78 -14.47 16.84
C ASN A 228 7.68 -14.31 17.89
N PRO A 229 7.22 -15.42 18.53
CA PRO A 229 6.09 -15.36 19.46
C PRO A 229 6.34 -14.39 20.60
N ASP A 230 7.61 -14.14 20.95
CA ASP A 230 7.91 -13.24 22.04
C ASP A 230 7.65 -11.78 21.71
N LYS A 231 7.33 -11.47 20.44
CA LYS A 231 6.99 -10.12 20.05
C LYS A 231 5.49 -10.03 19.68
N LEU A 232 4.71 -11.00 20.17
CA LEU A 232 3.26 -10.93 20.00
C LEU A 232 2.62 -10.47 21.31
N GLY A 233 1.53 -11.12 21.73
CA GLY A 233 0.74 -10.67 22.88
C GLY A 233 -0.23 -9.54 22.51
N THR A 234 -1.01 -9.04 23.47
CA THR A 234 -1.98 -7.98 23.18
C THR A 234 -1.33 -6.65 22.75
N GLU A 235 -0.06 -6.43 23.15
N GLU A 235 -0.05 -6.43 23.13
CA GLU A 235 0.65 -5.21 22.79
CA GLU A 235 0.65 -5.20 22.80
C GLU A 235 1.63 -5.44 21.66
C GLU A 235 1.47 -5.31 21.52
N ALA A 236 1.37 -6.44 20.81
CA ALA A 236 2.13 -6.57 19.56
C ALA A 236 1.95 -5.30 18.74
N GLU A 237 3.03 -4.84 18.08
N GLU A 237 3.02 -4.86 18.08
CA GLU A 237 2.94 -3.69 17.19
CA GLU A 237 2.88 -3.66 17.27
C GLU A 237 2.05 -4.03 15.99
C GLU A 237 2.09 -4.00 16.01
N LEU A 238 1.20 -3.09 15.61
CA LEU A 238 0.33 -3.30 14.45
C LEU A 238 1.18 -3.56 13.20
N ASN A 239 2.28 -2.83 13.01
CA ASN A 239 3.06 -3.07 11.80
C ASN A 239 3.79 -4.42 11.86
N TYR A 240 4.08 -4.93 13.06
CA TYR A 240 4.70 -6.24 13.18
C TYR A 240 3.71 -7.32 12.72
N LEU A 241 2.44 -7.16 13.13
CA LEU A 241 1.40 -8.08 12.70
C LEU A 241 1.20 -7.99 11.18
N GLN A 242 1.23 -6.78 10.65
CA GLN A 242 0.80 -6.51 9.27
C GLN A 242 1.84 -6.95 8.26
N HIS A 243 3.12 -6.96 8.67
CA HIS A 243 4.21 -7.27 7.74
C HIS A 243 4.92 -8.56 8.12
N GLY A 244 4.64 -9.08 9.33
CA GLY A 244 5.44 -10.15 9.90
C GLY A 244 6.91 -9.75 10.10
N ASP A 245 7.75 -10.77 10.26
CA ASP A 245 9.11 -10.59 10.73
C ASP A 245 10.05 -11.30 9.75
N PRO A 246 10.96 -10.57 9.07
CA PRO A 246 11.93 -11.22 8.20
C PRO A 246 12.76 -12.27 8.91
N SER A 247 12.90 -12.14 10.24
CA SER A 247 13.65 -13.10 11.02
C SER A 247 12.71 -13.89 11.94
N GLY A 248 11.46 -14.10 11.52
CA GLY A 248 10.55 -14.86 12.38
C GLY A 248 10.97 -16.32 12.63
N THR A 249 10.60 -16.87 13.80
CA THR A 249 11.01 -18.20 14.26
C THR A 249 9.91 -19.25 14.06
N ILE A 250 8.64 -18.85 13.89
CA ILE A 250 7.53 -19.76 13.63
C ILE A 250 6.81 -19.29 12.38
N PHE A 251 6.28 -20.27 11.62
CA PHE A 251 5.40 -19.91 10.49
C PHE A 251 4.06 -19.47 11.06
N SER A 252 3.56 -18.33 10.53
CA SER A 252 2.38 -17.69 11.12
C SER A 252 1.59 -17.05 9.99
N ILE A 253 0.31 -17.44 9.84
CA ILE A 253 -0.53 -16.76 8.83
C ILE A 253 -1.12 -15.49 9.44
N GLY A 254 -0.90 -14.34 8.79
CA GLY A 254 -1.57 -13.09 9.19
C GLY A 254 -2.96 -13.02 8.53
N GLU A 255 -3.95 -13.57 9.22
CA GLU A 255 -5.30 -13.69 8.67
C GLU A 255 -5.93 -12.30 8.53
N ALA A 256 -6.52 -11.99 7.36
CA ALA A 256 -7.08 -10.66 7.11
C ALA A 256 -8.60 -10.72 7.28
N ASP A 257 -9.09 -10.34 8.47
CA ASP A 257 -10.51 -10.37 8.74
C ASP A 257 -11.12 -9.01 8.48
N VAL A 258 -12.35 -9.01 7.93
CA VAL A 258 -12.98 -7.74 7.61
C VAL A 258 -14.45 -8.05 7.44
N SER A 259 -15.29 -7.09 7.84
CA SER A 259 -16.72 -7.28 7.67
C SER A 259 -17.16 -6.76 6.30
N ILE A 260 -18.19 -7.42 5.73
CA ILE A 260 -18.80 -6.90 4.51
C ILE A 260 -19.51 -5.58 4.79
N ARG A 261 -19.78 -5.29 6.06
CA ARG A 261 -20.46 -4.06 6.47
C ARG A 261 -19.54 -3.24 7.37
N PRO A 262 -19.91 -1.99 7.73
CA PRO A 262 -19.12 -1.22 8.69
C PRO A 262 -18.97 -1.95 10.03
N GLY A 263 -20.05 -2.57 10.51
CA GLY A 263 -20.03 -3.32 11.76
C GLY A 263 -19.94 -4.82 11.50
N TRP A 264 -19.60 -5.57 12.55
CA TRP A 264 -19.51 -7.03 12.53
C TRP A 264 -20.90 -7.65 12.63
N PHE A 265 -21.80 -7.02 13.39
CA PHE A 265 -23.17 -7.51 13.49
C PHE A 265 -24.05 -6.80 12.48
N TYR A 266 -25.22 -7.38 12.21
CA TYR A 266 -26.17 -6.79 11.26
C TYR A 266 -26.84 -5.56 11.87
N HIS A 267 -26.85 -4.46 11.10
CA HIS A 267 -27.59 -3.24 11.44
C HIS A 267 -28.39 -2.83 10.21
N GLU A 268 -29.69 -2.60 10.39
CA GLU A 268 -30.58 -2.33 9.25
C GLU A 268 -30.06 -1.16 8.41
N ASP A 269 -29.52 -0.13 9.07
CA ASP A 269 -29.16 1.11 8.38
C ASP A 269 -27.80 1.01 7.68
N GLN A 270 -27.16 -0.16 7.70
CA GLN A 270 -25.87 -0.29 7.02
C GLN A 270 -26.04 -1.01 5.69
N ASP A 271 -25.10 -0.74 4.79
CA ASP A 271 -25.05 -1.40 3.50
C ASP A 271 -23.76 -2.19 3.36
N PRO A 272 -23.73 -3.28 2.56
CA PRO A 272 -22.49 -4.00 2.27
C PRO A 272 -21.55 -3.15 1.40
N LYS A 273 -20.26 -3.49 1.48
CA LYS A 273 -19.25 -2.89 0.63
C LYS A 273 -19.58 -3.08 -0.84
N SER A 274 -19.14 -2.14 -1.69
CA SER A 274 -19.29 -2.32 -3.13
C SER A 274 -18.41 -3.46 -3.66
N LEU A 275 -18.71 -3.92 -4.87
CA LEU A 275 -17.83 -4.86 -5.54
C LEU A 275 -16.41 -4.28 -5.63
N GLU A 276 -16.31 -3.01 -6.03
N GLU A 276 -16.31 -3.02 -6.02
CA GLU A 276 -15.02 -2.34 -6.18
CA GLU A 276 -15.03 -2.37 -6.20
C GLU A 276 -14.23 -2.45 -4.88
C GLU A 276 -14.23 -2.41 -4.89
N GLU A 277 -14.91 -2.18 -3.76
CA GLU A 277 -14.26 -2.22 -2.46
C GLU A 277 -13.80 -3.65 -2.14
N LEU A 278 -14.63 -4.65 -2.45
CA LEU A 278 -14.22 -6.01 -2.12
C LEU A 278 -13.04 -6.44 -2.97
N VAL A 279 -13.00 -5.96 -4.23
CA VAL A 279 -11.92 -6.30 -5.13
C VAL A 279 -10.61 -5.72 -4.61
N GLU A 280 -10.62 -4.49 -4.08
CA GLU A 280 -9.41 -3.91 -3.49
C GLU A 280 -8.94 -4.76 -2.31
N ILE A 281 -9.90 -5.12 -1.43
CA ILE A 281 -9.58 -6.00 -0.30
C ILE A 281 -8.95 -7.29 -0.81
N TYR A 282 -9.54 -7.90 -1.86
CA TYR A 282 -9.07 -9.17 -2.36
C TYR A 282 -7.60 -9.07 -2.79
N PHE A 283 -7.28 -8.01 -3.56
CA PHE A 283 -5.90 -7.90 -4.03
C PHE A 283 -4.91 -7.64 -2.90
N HIS A 284 -5.38 -7.04 -1.79
CA HIS A 284 -4.49 -6.71 -0.68
C HIS A 284 -4.48 -7.78 0.41
N SER A 285 -5.18 -8.92 0.18
CA SER A 285 -5.24 -9.97 1.17
C SER A 285 -4.79 -11.26 0.48
N VAL A 286 -5.69 -11.88 -0.26
CA VAL A 286 -5.36 -13.06 -1.03
C VAL A 286 -4.24 -12.73 -2.02
N GLY A 287 -4.31 -11.54 -2.63
CA GLY A 287 -3.30 -11.10 -3.58
C GLY A 287 -1.96 -10.75 -2.93
N ARG A 288 -1.87 -10.80 -1.61
CA ARG A 288 -0.57 -10.62 -0.94
C ARG A 288 -0.19 -11.88 -0.17
N GLY A 289 -0.88 -12.98 -0.45
CA GLY A 289 -0.41 -14.27 0.07
C GLY A 289 -1.05 -14.65 1.41
N THR A 290 -2.20 -14.06 1.73
CA THR A 290 -2.84 -14.46 2.99
C THR A 290 -4.35 -14.62 2.80
N PRO A 291 -5.04 -15.44 3.62
CA PRO A 291 -6.47 -15.62 3.47
C PRO A 291 -7.28 -14.39 3.86
N LEU A 292 -8.43 -14.27 3.15
CA LEU A 292 -9.44 -13.27 3.46
C LEU A 292 -10.54 -13.96 4.26
N LEU A 293 -10.81 -13.42 5.47
CA LEU A 293 -11.90 -13.89 6.32
C LEU A 293 -12.95 -12.78 6.35
N LEU A 294 -14.00 -13.00 5.53
CA LEU A 294 -15.01 -11.97 5.28
C LEU A 294 -16.25 -12.27 6.11
N ASN A 295 -16.63 -11.31 6.95
CA ASN A 295 -17.77 -11.48 7.85
C ASN A 295 -19.09 -11.09 7.18
N ILE A 296 -20.08 -11.99 7.27
CA ILE A 296 -21.42 -11.77 6.71
C ILE A 296 -22.39 -11.98 7.87
N PRO A 297 -23.06 -10.91 8.37
CA PRO A 297 -23.90 -11.00 9.56
C PRO A 297 -25.36 -11.25 9.26
N PRO A 298 -25.93 -12.39 9.73
CA PRO A 298 -27.36 -12.61 9.56
C PRO A 298 -28.16 -11.54 10.31
N ASN A 299 -29.38 -11.29 9.79
CA ASN A 299 -30.29 -10.27 10.28
C ASN A 299 -31.14 -10.83 11.43
N GLN A 300 -32.12 -10.04 11.89
CA GLN A 300 -32.90 -10.42 13.04
C GLN A 300 -33.86 -11.57 12.72
N ALA A 301 -34.07 -11.83 11.44
CA ALA A 301 -34.85 -12.99 11.05
C ALA A 301 -34.00 -14.26 11.06
N GLY A 302 -32.67 -14.09 11.13
CA GLY A 302 -31.75 -15.22 11.03
C GLY A 302 -31.36 -15.57 9.59
N LEU A 303 -31.39 -14.56 8.69
CA LEU A 303 -31.09 -14.77 7.28
C LEU A 303 -30.01 -13.76 6.86
N PHE A 304 -29.20 -14.12 5.86
CA PHE A 304 -28.28 -13.12 5.31
C PHE A 304 -29.12 -12.08 4.56
N ASP A 305 -28.66 -10.83 4.57
CA ASP A 305 -29.34 -9.74 3.89
C ASP A 305 -29.31 -9.96 2.38
N ALA A 306 -30.41 -9.59 1.68
CA ALA A 306 -30.52 -9.82 0.24
C ALA A 306 -29.38 -9.16 -0.55
N LYS A 307 -29.00 -7.93 -0.13
CA LYS A 307 -27.98 -7.16 -0.83
C LYS A 307 -26.61 -7.84 -0.63
N ASP A 308 -26.37 -8.31 0.61
CA ASP A 308 -25.12 -9.00 0.88
C ASP A 308 -24.99 -10.25 0.02
N ILE A 309 -26.08 -11.04 -0.08
CA ILE A 309 -26.05 -12.22 -0.90
C ILE A 309 -25.73 -11.87 -2.37
N GLU A 310 -26.43 -10.86 -2.92
CA GLU A 310 -26.18 -10.46 -4.30
C GLU A 310 -24.70 -10.12 -4.49
N ARG A 311 -24.14 -9.40 -3.50
CA ARG A 311 -22.77 -8.92 -3.55
C ARG A 311 -21.79 -10.09 -3.51
N LEU A 312 -22.10 -11.14 -2.73
CA LEU A 312 -21.22 -12.30 -2.73
C LEU A 312 -21.18 -13.02 -4.08
N TYR A 313 -22.33 -13.14 -4.76
CA TYR A 313 -22.34 -13.76 -6.08
C TYR A 313 -21.57 -12.87 -7.07
N GLU A 314 -21.70 -11.56 -6.93
CA GLU A 314 -21.02 -10.64 -7.84
C GLU A 314 -19.51 -10.78 -7.64
N PHE A 315 -19.10 -10.98 -6.38
CA PHE A 315 -17.67 -11.10 -6.07
C PHE A 315 -17.12 -12.42 -6.63
N ALA A 316 -17.91 -13.50 -6.48
CA ALA A 316 -17.52 -14.79 -7.01
C ALA A 316 -17.38 -14.72 -8.54
N THR A 317 -18.33 -14.03 -9.20
CA THR A 317 -18.28 -13.92 -10.64
C THR A 317 -17.00 -13.21 -11.06
N TYR A 318 -16.69 -12.10 -10.36
CA TYR A 318 -15.48 -11.31 -10.62
C TYR A 318 -14.26 -12.23 -10.61
N ARG A 319 -14.11 -13.03 -9.53
CA ARG A 319 -12.93 -13.87 -9.41
C ARG A 319 -12.91 -14.94 -10.50
N ASN A 320 -14.09 -15.50 -10.78
CA ASN A 320 -14.14 -16.59 -11.75
C ASN A 320 -13.69 -16.05 -13.10
N GLU A 321 -14.11 -14.81 -13.42
CA GLU A 321 -13.74 -14.18 -14.69
C GLU A 321 -12.25 -13.83 -14.71
N LEU A 322 -11.73 -13.30 -13.60
CA LEU A 322 -10.31 -12.94 -13.52
C LEU A 322 -9.44 -14.12 -13.95
N TYR A 323 -9.74 -15.30 -13.38
CA TYR A 323 -8.87 -16.44 -13.50
C TYR A 323 -9.24 -17.32 -14.70
N LYS A 324 -10.21 -16.88 -15.51
CA LYS A 324 -10.73 -17.67 -16.62
C LYS A 324 -9.61 -18.11 -17.56
N GLU A 325 -8.68 -17.20 -17.86
CA GLU A 325 -7.58 -17.56 -18.74
C GLU A 325 -6.24 -17.04 -18.21
N ASP A 326 -5.35 -18.00 -17.97
CA ASP A 326 -3.94 -17.72 -17.70
C ASP A 326 -3.24 -17.53 -19.05
N LEU A 327 -2.94 -16.27 -19.36
CA LEU A 327 -2.36 -15.87 -20.63
C LEU A 327 -0.89 -16.27 -20.73
N ALA A 328 -0.32 -16.73 -19.60
CA ALA A 328 1.07 -17.14 -19.60
C ALA A 328 1.23 -18.65 -19.83
N LEU A 329 0.14 -19.42 -19.81
CA LEU A 329 0.27 -20.87 -19.91
C LEU A 329 1.03 -21.24 -21.18
N GLY A 330 2.08 -22.05 -21.05
CA GLY A 330 2.85 -22.51 -22.19
C GLY A 330 3.83 -21.49 -22.76
N ALA A 331 3.87 -20.27 -22.19
CA ALA A 331 4.90 -19.32 -22.60
C ALA A 331 6.30 -19.92 -22.41
N GLU A 332 7.22 -19.54 -23.30
CA GLU A 332 8.62 -19.92 -23.24
C GLU A 332 9.31 -19.06 -22.18
N VAL A 333 10.04 -19.70 -21.25
CA VAL A 333 10.73 -18.96 -20.21
C VAL A 333 12.23 -19.19 -20.31
N SER A 334 13.03 -18.12 -20.26
CA SER A 334 14.48 -18.24 -20.24
C SER A 334 15.03 -17.53 -19.02
N GLY A 335 16.26 -17.91 -18.70
CA GLY A 335 16.94 -17.40 -17.54
C GLY A 335 17.68 -18.54 -16.86
N PRO A 336 18.34 -18.28 -15.73
CA PRO A 336 19.12 -19.32 -15.08
C PRO A 336 18.21 -20.31 -14.39
N ALA A 337 18.69 -21.55 -14.27
CA ALA A 337 17.94 -22.57 -13.56
C ALA A 337 18.91 -23.61 -12.98
N LEU A 338 18.56 -24.10 -11.80
CA LEU A 338 19.45 -24.90 -11.00
C LEU A 338 19.81 -26.19 -11.74
N SER A 339 18.80 -26.78 -12.37
CA SER A 339 18.88 -28.10 -13.00
C SER A 339 17.64 -28.32 -13.85
N ALA A 340 17.63 -29.41 -14.65
CA ALA A 340 16.45 -29.80 -15.40
C ALA A 340 15.24 -30.02 -14.49
N ASP A 341 15.48 -30.52 -13.27
CA ASP A 341 14.40 -30.80 -12.33
C ASP A 341 13.78 -29.50 -11.80
N PHE A 342 14.49 -28.37 -11.97
CA PHE A 342 14.02 -27.06 -11.52
C PHE A 342 14.03 -26.08 -12.69
N ALA A 343 13.67 -26.57 -13.89
CA ALA A 343 13.81 -25.77 -15.09
C ALA A 343 12.81 -24.62 -15.16
N CYS A 344 13.18 -23.58 -15.91
CA CYS A 344 12.32 -22.43 -16.14
C CYS A 344 10.96 -22.81 -16.71
N ARG A 345 10.92 -23.84 -17.56
CA ARG A 345 9.67 -24.19 -18.24
C ARG A 345 8.61 -24.63 -17.23
N HIS A 346 9.05 -24.94 -16.00
CA HIS A 346 8.13 -25.37 -14.95
C HIS A 346 7.21 -24.24 -14.48
N LEU A 347 7.51 -22.99 -14.86
CA LEU A 347 6.72 -21.86 -14.38
C LEU A 347 5.43 -21.69 -15.17
N THR A 348 5.35 -22.27 -16.38
CA THR A 348 4.17 -22.03 -17.20
C THR A 348 3.59 -23.33 -17.77
N ASP A 349 3.96 -24.47 -17.17
CA ASP A 349 3.63 -25.75 -17.77
C ASP A 349 2.28 -26.27 -17.26
N GLY A 350 1.66 -25.51 -16.34
CA GLY A 350 0.35 -25.87 -15.78
C GLY A 350 0.41 -27.15 -14.94
N LEU A 351 1.62 -27.66 -14.68
CA LEU A 351 1.84 -28.78 -13.75
C LEU A 351 2.16 -28.18 -12.38
N GLU A 352 1.29 -28.41 -11.40
CA GLU A 352 1.59 -27.93 -10.04
C GLU A 352 2.62 -28.84 -9.34
N THR A 353 3.06 -29.90 -10.02
CA THR A 353 4.08 -30.75 -9.43
C THR A 353 5.48 -30.33 -9.91
N SER A 354 5.57 -29.27 -10.74
CA SER A 354 6.84 -28.81 -11.27
C SER A 354 7.13 -27.38 -10.81
N SER A 355 8.40 -27.11 -10.50
CA SER A 355 8.82 -25.79 -10.02
C SER A 355 10.21 -25.42 -10.55
N TRP A 356 10.54 -24.13 -10.42
CA TRP A 356 11.80 -23.55 -10.88
C TRP A 356 12.58 -23.07 -9.65
N ALA A 357 13.91 -23.12 -9.74
CA ALA A 357 14.82 -22.62 -8.73
C ALA A 357 16.13 -22.23 -9.42
N SER A 358 16.89 -21.32 -8.81
CA SER A 358 18.21 -20.94 -9.30
C SER A 358 19.10 -20.51 -8.14
N ASP A 359 20.35 -20.97 -8.16
CA ASP A 359 21.35 -20.55 -7.20
C ASP A 359 22.25 -19.48 -7.82
N ALA A 360 21.82 -18.88 -8.94
CA ALA A 360 22.60 -17.85 -9.60
C ALA A 360 22.67 -16.60 -8.73
N ASP A 361 23.68 -15.74 -8.98
CA ASP A 361 23.79 -14.47 -8.26
C ASP A 361 22.59 -13.59 -8.61
N LEU A 362 22.10 -12.83 -7.62
CA LEU A 362 21.04 -11.87 -7.90
C LEU A 362 21.67 -10.60 -8.49
N PRO A 363 20.95 -9.86 -9.36
CA PRO A 363 19.57 -10.18 -9.72
C PRO A 363 19.36 -11.35 -10.68
N ILE A 364 18.26 -12.08 -10.46
CA ILE A 364 17.86 -13.16 -11.37
C ILE A 364 16.74 -12.68 -12.28
N GLN A 365 16.96 -12.84 -13.60
CA GLN A 365 16.02 -12.32 -14.56
C GLN A 365 15.40 -13.48 -15.33
N LEU A 366 14.09 -13.67 -15.15
CA LEU A 366 13.31 -14.62 -15.94
C LEU A 366 12.56 -13.85 -17.02
N GLU A 367 12.65 -14.31 -18.29
CA GLU A 367 11.93 -13.61 -19.34
C GLU A 367 10.93 -14.58 -19.97
N LEU A 368 9.68 -14.13 -20.09
CA LEU A 368 8.63 -14.92 -20.70
C LEU A 368 8.39 -14.38 -22.10
N ASP A 369 8.24 -15.30 -23.07
CA ASP A 369 7.80 -14.97 -24.42
C ASP A 369 6.45 -15.65 -24.65
N LEU A 370 5.37 -14.86 -24.74
CA LEU A 370 4.02 -15.38 -24.83
C LEU A 370 3.75 -15.91 -26.24
N GLY A 371 4.67 -15.62 -27.17
CA GLY A 371 4.57 -16.16 -28.52
C GLY A 371 3.79 -15.25 -29.48
N SER A 372 2.91 -14.42 -28.90
CA SER A 372 2.14 -13.39 -29.59
C SER A 372 1.78 -12.30 -28.58
N PRO A 373 1.44 -11.06 -29.00
CA PRO A 373 1.03 -10.02 -28.05
C PRO A 373 -0.31 -10.40 -27.40
N LYS A 374 -0.36 -10.28 -26.06
CA LYS A 374 -1.59 -10.49 -25.31
C LYS A 374 -1.78 -9.32 -24.37
N THR A 375 -3.03 -9.12 -23.90
CA THR A 375 -3.40 -7.95 -23.11
C THR A 375 -3.73 -8.40 -21.69
N PHE A 376 -3.00 -7.83 -20.73
CA PHE A 376 -3.09 -8.25 -19.34
C PHE A 376 -2.86 -7.05 -18.41
N ASP A 377 -3.22 -7.22 -17.14
CA ASP A 377 -3.00 -6.20 -16.13
C ASP A 377 -2.73 -6.83 -14.76
N VAL A 378 -2.57 -8.15 -14.72
CA VAL A 378 -2.25 -8.85 -13.48
C VAL A 378 -1.16 -9.88 -13.73
N ILE A 379 -0.13 -9.89 -12.87
CA ILE A 379 0.81 -11.01 -12.85
C ILE A 379 0.65 -11.76 -11.51
N GLU A 380 0.68 -13.10 -11.55
CA GLU A 380 0.67 -13.93 -10.34
C GLU A 380 2.00 -14.69 -10.25
N LEU A 381 2.64 -14.68 -9.06
CA LEU A 381 3.84 -15.44 -8.78
C LEU A 381 3.55 -16.29 -7.55
N ARG A 382 4.14 -17.47 -7.45
CA ARG A 382 4.01 -18.28 -6.23
C ARG A 382 5.35 -18.90 -5.84
N GLU A 383 5.65 -18.84 -4.54
CA GLU A 383 6.81 -19.54 -4.00
C GLU A 383 6.47 -20.97 -3.66
N ASP A 384 7.47 -21.76 -3.28
CA ASP A 384 7.18 -23.09 -2.79
C ASP A 384 7.40 -23.11 -1.27
N LEU A 385 6.33 -22.86 -0.52
CA LEU A 385 6.54 -22.59 0.89
C LEU A 385 6.86 -23.86 1.67
N LYS A 386 6.74 -25.05 1.04
CA LYS A 386 7.21 -26.25 1.72
C LYS A 386 8.71 -26.17 1.97
N LEU A 387 9.40 -25.29 1.23
CA LEU A 387 10.83 -25.09 1.40
C LEU A 387 11.12 -23.74 2.07
N GLY A 388 10.06 -23.08 2.56
CA GLY A 388 10.21 -21.82 3.29
C GLY A 388 10.10 -20.57 2.41
N GLN A 389 9.65 -19.47 3.01
CA GLN A 389 9.49 -18.21 2.29
C GLN A 389 10.85 -17.50 2.17
N ARG A 390 11.15 -16.95 0.98
CA ARG A 390 12.51 -16.49 0.72
C ARG A 390 12.58 -15.10 0.09
N ILE A 391 11.72 -14.82 -0.90
CA ILE A 391 11.90 -13.63 -1.73
C ILE A 391 11.57 -12.38 -0.94
N ALA A 392 12.43 -11.37 -1.03
CA ALA A 392 12.25 -10.13 -0.29
C ALA A 392 12.08 -8.92 -1.21
N ALA A 393 12.42 -9.05 -2.51
CA ALA A 393 12.19 -7.95 -3.44
C ALA A 393 12.19 -8.46 -4.86
N PHE A 394 11.26 -7.94 -5.67
CA PHE A 394 11.23 -8.32 -7.08
C PHE A 394 10.59 -7.17 -7.87
N HIS A 395 10.79 -7.17 -9.21
CA HIS A 395 10.04 -6.26 -10.03
C HIS A 395 9.71 -6.96 -11.36
N VAL A 396 8.79 -6.37 -12.10
CA VAL A 396 8.30 -6.95 -13.34
C VAL A 396 8.38 -5.86 -14.41
N GLN A 397 8.83 -6.25 -15.61
CA GLN A 397 8.85 -5.29 -16.71
C GLN A 397 8.20 -5.92 -17.94
N VAL A 398 7.77 -5.06 -18.86
CA VAL A 398 7.18 -5.51 -20.11
C VAL A 398 7.81 -4.73 -21.25
N GLU A 399 8.05 -5.41 -22.38
CA GLU A 399 8.65 -4.71 -23.51
C GLU A 399 7.54 -4.04 -24.35
N VAL A 400 7.68 -2.73 -24.55
CA VAL A 400 6.70 -1.93 -25.26
C VAL A 400 7.46 -1.14 -26.31
N ASP A 401 7.23 -1.49 -27.58
CA ASP A 401 7.87 -0.80 -28.69
C ASP A 401 9.38 -0.81 -28.53
N GLY A 402 9.94 -1.94 -28.09
CA GLY A 402 11.38 -2.09 -27.99
C GLY A 402 12.01 -1.45 -26.74
N VAL A 403 11.19 -0.93 -25.82
CA VAL A 403 11.76 -0.42 -24.58
C VAL A 403 11.18 -1.23 -23.41
N TRP A 404 12.05 -1.69 -22.52
CA TRP A 404 11.60 -2.42 -21.34
C TRP A 404 11.08 -1.41 -20.32
N GLN A 405 9.77 -1.48 -20.06
CA GLN A 405 9.10 -0.48 -19.24
C GLN A 405 8.59 -1.17 -17.97
N GLU A 406 8.39 -0.39 -16.91
CA GLU A 406 8.01 -1.04 -15.66
C GLU A 406 6.55 -1.45 -15.72
N PHE A 407 6.29 -2.62 -15.11
CA PHE A 407 4.92 -3.06 -14.89
C PHE A 407 4.56 -2.83 -13.42
N GLY A 408 5.43 -3.30 -12.53
CA GLY A 408 5.20 -3.06 -11.10
C GLY A 408 6.35 -3.65 -10.29
N SER A 409 6.28 -3.47 -8.96
CA SER A 409 7.31 -4.03 -8.10
C SER A 409 6.68 -4.41 -6.78
N GLY A 410 7.45 -5.18 -6.01
CA GLY A 410 6.97 -5.60 -4.70
C GLY A 410 8.12 -6.05 -3.80
N HIS A 411 7.73 -6.43 -2.59
CA HIS A 411 8.68 -7.03 -1.66
C HIS A 411 8.56 -8.56 -1.73
N THR A 412 7.60 -9.12 -0.98
CA THR A 412 7.44 -10.56 -0.85
C THR A 412 6.58 -11.15 -1.97
N VAL A 413 6.69 -12.46 -2.10
CA VAL A 413 5.81 -13.25 -2.94
C VAL A 413 4.92 -14.09 -2.03
N GLY A 414 5.51 -15.05 -1.30
CA GLY A 414 4.75 -15.90 -0.40
C GLY A 414 4.01 -17.01 -1.14
N TYR A 415 2.89 -17.47 -0.57
CA TYR A 415 2.14 -18.55 -1.18
C TYR A 415 1.64 -18.14 -2.57
N LYS A 416 1.20 -16.89 -2.67
CA LYS A 416 0.65 -16.38 -3.91
C LYS A 416 0.65 -14.87 -3.85
N ARG A 417 1.18 -14.23 -4.90
CA ARG A 417 1.21 -12.78 -4.98
C ARG A 417 0.56 -12.39 -6.31
N LEU A 418 -0.45 -11.55 -6.22
CA LEU A 418 -1.02 -10.92 -7.41
C LEU A 418 -0.45 -9.51 -7.43
N LEU A 419 0.07 -9.13 -8.59
CA LEU A 419 0.48 -7.74 -8.71
C LEU A 419 -0.16 -7.09 -9.95
N ARG A 420 -0.91 -6.01 -9.73
CA ARG A 420 -1.61 -5.33 -10.82
C ARG A 420 -0.72 -4.24 -11.38
N GLY A 421 -0.95 -3.96 -12.65
CA GLY A 421 -0.31 -2.86 -13.34
C GLY A 421 -1.31 -2.27 -14.33
N ALA A 422 -0.88 -1.23 -15.04
CA ALA A 422 -1.67 -0.68 -16.14
C ALA A 422 -1.90 -1.76 -17.19
N VAL A 423 -3.09 -1.75 -17.78
CA VAL A 423 -3.39 -2.70 -18.84
C VAL A 423 -2.40 -2.46 -19.98
N VAL A 424 -1.79 -3.54 -20.47
CA VAL A 424 -0.72 -3.47 -21.46
C VAL A 424 -0.91 -4.61 -22.46
N GLU A 425 -0.56 -4.34 -23.74
CA GLU A 425 -0.47 -5.38 -24.75
C GLU A 425 1.00 -5.66 -25.01
N ALA A 426 1.43 -6.90 -24.74
CA ALA A 426 2.85 -7.24 -24.78
C ALA A 426 3.03 -8.72 -25.01
N GLN A 427 4.21 -9.07 -25.52
CA GLN A 427 4.57 -10.43 -25.80
C GLN A 427 5.71 -10.89 -24.89
N LYS A 428 6.54 -9.93 -24.45
CA LYS A 428 7.70 -10.28 -23.62
C LYS A 428 7.62 -9.59 -22.27
N ILE A 429 7.86 -10.38 -21.22
CA ILE A 429 7.79 -9.93 -19.84
C ILE A 429 9.04 -10.39 -19.10
N ARG A 430 9.56 -9.57 -18.17
CA ARG A 430 10.66 -10.01 -17.33
C ARG A 430 10.22 -9.96 -15.87
N VAL A 431 10.51 -11.06 -15.16
CA VAL A 431 10.37 -11.11 -13.71
C VAL A 431 11.79 -11.09 -13.16
N VAL A 432 12.08 -10.08 -12.31
CA VAL A 432 13.43 -9.92 -11.81
C VAL A 432 13.40 -10.02 -10.30
N ILE A 433 14.11 -11.03 -9.76
CA ILE A 433 14.25 -11.23 -8.33
C ILE A 433 15.53 -10.52 -7.87
N THR A 434 15.41 -9.54 -6.95
CA THR A 434 16.53 -8.66 -6.63
C THR A 434 17.04 -8.88 -5.20
N GLU A 435 16.20 -9.45 -4.34
CA GLU A 435 16.63 -9.78 -2.99
C GLU A 435 15.91 -11.03 -2.51
N SER A 436 16.64 -11.96 -1.84
CA SER A 436 16.07 -13.20 -1.38
C SER A 436 16.90 -13.74 -0.23
N GLN A 437 16.24 -14.30 0.78
CA GLN A 437 16.95 -14.81 1.95
C GLN A 437 17.71 -16.10 1.66
N ALA A 438 17.31 -16.80 0.57
CA ALA A 438 17.93 -18.05 0.17
C ALA A 438 17.68 -18.22 -1.33
N LEU A 439 18.25 -19.27 -1.93
CA LEU A 439 18.08 -19.37 -3.37
C LEU A 439 16.58 -19.42 -3.70
N PRO A 440 16.09 -18.62 -4.66
CA PRO A 440 14.65 -18.53 -4.88
C PRO A 440 14.08 -19.74 -5.61
N LEU A 441 12.85 -20.10 -5.22
CA LEU A 441 12.00 -21.05 -5.94
C LEU A 441 10.70 -20.36 -6.31
N LEU A 442 10.18 -20.67 -7.50
CA LEU A 442 8.82 -20.27 -7.85
C LEU A 442 8.15 -21.48 -8.47
N THR A 443 6.85 -21.64 -8.24
CA THR A 443 6.10 -22.78 -8.77
C THR A 443 5.32 -22.42 -10.01
N LYS A 444 5.12 -21.13 -10.26
CA LYS A 444 4.15 -20.68 -11.25
C LYS A 444 4.34 -19.18 -11.50
N ILE A 445 4.22 -18.79 -12.78
CA ILE A 445 3.98 -17.41 -13.17
C ILE A 445 2.76 -17.43 -14.09
N SER A 446 1.75 -16.64 -13.74
CA SER A 446 0.51 -16.53 -14.51
C SER A 446 0.25 -15.06 -14.85
N LEU A 447 -0.54 -14.82 -15.92
CA LEU A 447 -0.94 -13.49 -16.33
C LEU A 447 -2.44 -13.50 -16.58
N TYR A 448 -3.11 -12.43 -16.11
CA TYR A 448 -4.55 -12.30 -16.29
C TYR A 448 -4.94 -10.89 -16.68
N LYS A 449 -6.15 -10.79 -17.26
CA LYS A 449 -6.83 -9.53 -17.46
C LYS A 449 -8.02 -9.44 -16.51
N THR A 450 -8.08 -8.37 -15.72
CA THR A 450 -9.21 -8.12 -14.84
C THR A 450 -10.49 -7.93 -15.66
N PRO A 451 -11.65 -8.39 -15.15
CA PRO A 451 -12.92 -8.20 -15.87
C PRO A 451 -13.43 -6.75 -15.88
N LYS B 3 15.25 23.31 23.92
CA LYS B 3 15.70 22.08 24.66
C LYS B 3 15.86 20.90 23.68
N ILE B 4 15.07 20.89 22.59
CA ILE B 4 15.02 19.71 21.72
C ILE B 4 16.22 19.69 20.77
N LYS B 5 16.99 18.61 20.83
CA LYS B 5 18.13 18.43 19.95
C LYS B 5 17.66 17.86 18.60
N PRO B 6 18.28 18.23 17.46
CA PRO B 6 17.88 17.67 16.16
C PRO B 6 18.17 16.18 16.13
N HIS B 7 17.52 15.49 15.17
CA HIS B 7 17.73 14.08 14.99
C HIS B 7 17.94 13.79 13.51
N GLY B 8 18.98 13.02 13.17
CA GLY B 8 19.20 12.58 11.80
C GLY B 8 19.61 13.70 10.85
N PRO B 9 19.70 13.40 9.53
CA PRO B 9 20.10 14.40 8.55
C PRO B 9 19.01 15.45 8.34
N LEU B 10 19.38 16.73 8.37
CA LEU B 10 18.37 17.77 8.28
C LEU B 10 18.23 18.27 6.83
N PRO B 11 17.00 18.65 6.43
CA PRO B 11 16.76 19.19 5.09
C PRO B 11 17.34 20.58 4.93
N SER B 12 17.77 20.88 3.71
CA SER B 12 18.13 22.23 3.28
C SER B 12 16.88 23.08 3.13
N GLN B 13 17.11 24.40 3.10
CA GLN B 13 16.03 25.35 2.86
C GLN B 13 15.34 25.04 1.52
N THR B 14 16.13 24.69 0.48
CA THR B 14 15.56 24.42 -0.82
C THR B 14 14.76 23.11 -0.81
N GLN B 15 15.19 22.13 -0.01
CA GLN B 15 14.44 20.89 0.12
C GLN B 15 13.10 21.18 0.77
N LEU B 16 13.12 21.97 1.87
CA LEU B 16 11.89 22.28 2.59
C LEU B 16 10.96 23.09 1.68
N ALA B 17 11.52 24.00 0.87
CA ALA B 17 10.64 24.78 0.02
C ALA B 17 9.91 23.88 -0.98
N TYR B 18 10.61 22.87 -1.52
CA TYR B 18 9.97 21.99 -2.48
C TYR B 18 8.89 21.17 -1.78
N LEU B 19 9.18 20.69 -0.57
CA LEU B 19 8.23 19.86 0.15
C LEU B 19 6.95 20.67 0.41
N GLY B 20 7.14 21.94 0.77
CA GLY B 20 6.01 22.83 0.99
C GLY B 20 5.25 23.16 -0.30
N ASP B 21 5.95 23.17 -1.44
CA ASP B 21 5.28 23.48 -2.70
C ASP B 21 4.42 22.35 -3.25
N GLU B 22 4.83 21.07 -3.06
CA GLU B 22 4.06 19.85 -3.31
C GLU B 22 3.91 19.42 -4.77
N LEU B 23 3.66 20.36 -5.71
CA LEU B 23 3.32 19.97 -7.05
C LEU B 23 4.25 20.61 -8.06
N ALA B 24 4.80 19.76 -8.94
CA ALA B 24 5.64 20.20 -10.04
C ALA B 24 5.12 19.57 -11.32
N ALA B 25 5.35 20.26 -12.44
CA ALA B 25 4.98 19.74 -13.75
C ALA B 25 6.25 19.40 -14.53
N PHE B 26 6.14 18.33 -15.31
CA PHE B 26 7.19 17.91 -16.23
C PHE B 26 6.70 18.14 -17.66
N ILE B 27 7.61 18.57 -18.54
CA ILE B 27 7.27 18.70 -19.97
C ILE B 27 8.29 17.91 -20.80
N HIS B 28 7.82 16.82 -21.43
CA HIS B 28 8.58 16.07 -22.41
C HIS B 28 8.01 16.41 -23.78
N PHE B 29 8.86 17.05 -24.59
CA PHE B 29 8.49 17.49 -25.93
C PHE B 29 9.75 17.48 -26.80
N GLY B 30 9.61 17.06 -28.06
CA GLY B 30 10.77 17.05 -28.94
C GLY B 30 10.53 16.21 -30.20
N PRO B 31 11.59 15.81 -30.91
CA PRO B 31 11.48 14.92 -32.07
C PRO B 31 10.59 13.71 -31.78
N ASN B 32 10.63 13.18 -30.54
CA ASN B 32 9.86 11.99 -30.23
C ASN B 32 8.37 12.24 -30.43
N THR B 33 7.92 13.48 -30.19
CA THR B 33 6.52 13.85 -30.35
C THR B 33 6.12 13.67 -31.83
N PHE B 34 7.08 13.94 -32.73
CA PHE B 34 6.80 13.92 -34.15
C PHE B 34 6.96 12.52 -34.72
N TYR B 35 7.74 11.67 -34.02
CA TYR B 35 8.01 10.33 -34.52
C TYR B 35 7.14 9.29 -33.83
N ASP B 36 6.25 9.75 -32.93
CA ASP B 36 5.34 8.88 -32.18
C ASP B 36 6.12 7.75 -31.51
N GLN B 37 7.11 8.12 -30.66
CA GLN B 37 7.98 7.15 -30.01
C GLN B 37 8.30 7.66 -28.61
N GLU B 38 8.83 6.76 -27.74
CA GLU B 38 9.17 7.15 -26.38
C GLU B 38 10.67 7.46 -26.22
N TRP B 39 11.49 6.71 -26.96
CA TRP B 39 12.92 6.92 -27.05
C TRP B 39 13.29 7.16 -28.51
N GLY B 40 14.31 8.01 -28.72
CA GLY B 40 14.84 8.31 -30.05
C GLY B 40 16.27 7.83 -30.20
N THR B 41 16.77 7.79 -31.44
CA THR B 41 18.07 7.21 -31.73
C THR B 41 19.12 8.28 -32.04
N GLY B 42 18.68 9.51 -32.30
CA GLY B 42 19.59 10.56 -32.72
C GLY B 42 19.67 10.63 -34.24
N GLN B 43 18.89 9.77 -34.90
CA GLN B 43 18.77 9.77 -36.36
C GLN B 43 17.54 10.57 -36.80
N GLU B 44 16.76 11.12 -35.86
CA GLU B 44 15.53 11.81 -36.22
C GLU B 44 15.87 13.02 -37.08
N ASP B 45 14.98 13.36 -38.02
CA ASP B 45 15.27 14.43 -38.96
C ASP B 45 14.80 15.77 -38.40
N PRO B 46 15.70 16.74 -38.14
CA PRO B 46 15.30 18.05 -37.60
C PRO B 46 14.24 18.77 -38.46
N GLU B 47 14.16 18.43 -39.74
CA GLU B 47 13.12 18.97 -40.61
C GLU B 47 11.73 18.70 -40.03
N ARG B 48 11.58 17.54 -39.36
CA ARG B 48 10.31 17.06 -38.85
C ARG B 48 9.93 17.77 -37.54
N PHE B 49 10.88 18.49 -36.93
CA PHE B 49 10.58 19.21 -35.70
C PHE B 49 9.98 20.57 -36.06
N ASN B 50 8.66 20.66 -36.12
CA ASN B 50 8.06 21.90 -36.57
C ASN B 50 6.66 22.07 -35.98
N PRO B 51 6.55 22.37 -34.66
CA PRO B 51 5.23 22.61 -34.07
C PRO B 51 4.51 23.73 -34.83
N SER B 52 3.24 23.45 -35.19
CA SER B 52 2.47 24.37 -36.01
C SER B 52 2.19 25.67 -35.26
N GLN B 53 2.02 25.58 -33.94
CA GLN B 53 1.31 26.58 -33.16
C GLN B 53 1.82 26.63 -31.73
N LEU B 54 3.09 26.26 -31.49
CA LEU B 54 3.55 26.15 -30.10
C LEU B 54 3.30 27.45 -29.34
N ASP B 55 2.75 27.33 -28.12
CA ASP B 55 2.50 28.49 -27.27
C ASP B 55 2.88 28.18 -25.83
N ALA B 56 4.11 28.54 -25.44
CA ALA B 56 4.63 28.24 -24.11
C ALA B 56 3.89 29.02 -23.03
N ARG B 57 3.39 30.21 -23.38
CA ARG B 57 2.70 31.01 -22.38
C ARG B 57 1.42 30.31 -21.94
N GLU B 58 0.79 29.60 -22.88
CA GLU B 58 -0.39 28.81 -22.58
C GLU B 58 -0.04 27.61 -21.69
N TRP B 59 1.12 26.98 -21.96
CA TRP B 59 1.53 25.90 -21.09
C TRP B 59 1.62 26.42 -19.66
N VAL B 60 2.38 27.51 -19.46
CA VAL B 60 2.67 28.09 -18.16
C VAL B 60 1.38 28.60 -17.50
N ARG B 61 0.50 29.22 -18.29
CA ARG B 61 -0.71 29.80 -17.72
C ARG B 61 -1.56 28.70 -17.07
N VAL B 62 -1.81 27.64 -17.83
CA VAL B 62 -2.61 26.53 -17.34
C VAL B 62 -1.91 25.88 -16.15
N LEU B 63 -0.59 25.64 -16.24
CA LEU B 63 0.07 24.99 -15.11
C LEU B 63 -0.04 25.87 -13.86
N LYS B 64 0.09 27.20 -14.03
CA LYS B 64 -0.03 28.12 -12.90
C LYS B 64 -1.45 28.10 -12.31
N GLU B 65 -2.45 28.14 -13.19
CA GLU B 65 -3.83 28.20 -12.73
C GLU B 65 -4.25 26.88 -12.08
N THR B 66 -3.50 25.79 -12.34
CA THR B 66 -3.91 24.48 -11.84
C THR B 66 -3.01 24.03 -10.70
N GLY B 67 -2.22 24.97 -10.17
CA GLY B 67 -1.60 24.85 -8.86
C GLY B 67 -0.17 24.33 -8.90
N PHE B 68 0.41 24.18 -10.10
CA PHE B 68 1.79 23.74 -10.20
C PHE B 68 2.73 24.87 -9.76
N LYS B 69 3.82 24.50 -9.06
CA LYS B 69 4.72 25.48 -8.45
C LYS B 69 6.11 25.44 -9.09
N LYS B 70 6.29 24.54 -10.07
CA LYS B 70 7.58 24.35 -10.73
C LYS B 70 7.32 23.63 -12.05
N LEU B 71 8.08 23.99 -13.09
CA LEU B 71 7.95 23.40 -14.40
C LEU B 71 9.34 22.94 -14.82
N ILE B 72 9.52 21.62 -14.93
CA ILE B 72 10.79 21.02 -15.33
C ILE B 72 10.72 20.70 -16.82
N LEU B 73 11.59 21.36 -17.60
CA LEU B 73 11.52 21.28 -19.06
C LEU B 73 12.64 20.41 -19.59
N VAL B 74 12.27 19.41 -20.41
CA VAL B 74 13.25 18.64 -21.16
C VAL B 74 13.82 19.55 -22.26
N VAL B 75 15.15 19.80 -22.23
CA VAL B 75 15.78 20.56 -23.31
C VAL B 75 16.66 19.66 -24.17
N LYS B 76 16.93 18.42 -23.72
CA LYS B 76 17.61 17.42 -24.52
C LYS B 76 17.27 16.05 -23.96
N HIS B 77 16.56 15.22 -24.74
CA HIS B 77 16.24 13.87 -24.29
C HIS B 77 17.37 12.93 -24.73
N HIS B 78 17.16 11.61 -24.59
CA HIS B 78 18.20 10.64 -24.92
C HIS B 78 18.64 10.75 -26.39
N ASP B 79 17.74 11.17 -27.27
CA ASP B 79 18.06 11.27 -28.69
C ASP B 79 19.09 12.35 -28.98
N GLY B 80 19.33 13.28 -28.03
CA GLY B 80 20.43 14.21 -28.19
C GLY B 80 20.07 15.52 -28.91
N PHE B 81 18.84 15.66 -29.42
CA PHE B 81 18.45 16.89 -30.08
C PHE B 81 18.21 18.02 -29.07
N VAL B 82 18.92 19.14 -29.24
CA VAL B 82 18.93 20.19 -28.25
C VAL B 82 17.89 21.26 -28.62
N LEU B 83 17.06 21.64 -27.65
CA LEU B 83 15.90 22.46 -27.99
C LEU B 83 16.15 23.95 -27.72
N TYR B 84 17.41 24.31 -27.49
CA TYR B 84 17.80 25.71 -27.50
C TYR B 84 19.02 25.83 -28.43
N PRO B 85 19.31 27.02 -28.99
CA PRO B 85 20.43 27.19 -29.92
C PRO B 85 21.84 27.14 -29.29
N THR B 86 22.19 25.97 -28.75
CA THR B 86 23.49 25.72 -28.13
C THR B 86 24.62 25.98 -29.12
N ALA B 87 25.75 26.41 -28.59
CA ALA B 87 26.93 26.67 -29.38
C ALA B 87 27.72 25.37 -29.60
N HIS B 88 27.31 24.27 -28.94
CA HIS B 88 28.22 23.14 -28.77
C HIS B 88 27.87 21.89 -29.58
N THR B 89 26.80 21.94 -30.37
CA THR B 89 26.48 20.88 -31.32
C THR B 89 25.68 21.50 -32.46
N ASP B 90 25.70 20.86 -33.64
CA ASP B 90 24.82 21.28 -34.72
C ASP B 90 23.47 20.58 -34.62
N TYR B 91 23.36 19.58 -33.72
CA TYR B 91 22.12 18.82 -33.67
C TYR B 91 21.13 19.52 -32.72
N SER B 92 20.49 20.59 -33.21
CA SER B 92 19.66 21.45 -32.38
C SER B 92 18.61 22.15 -33.25
N VAL B 93 17.79 22.95 -32.58
CA VAL B 93 16.73 23.73 -33.21
C VAL B 93 17.29 24.67 -34.28
N LYS B 94 18.60 24.94 -34.27
CA LYS B 94 19.22 25.78 -35.30
C LYS B 94 18.98 25.21 -36.70
N VAL B 95 18.91 23.88 -36.85
CA VAL B 95 18.70 23.27 -38.17
C VAL B 95 17.27 22.78 -38.36
N SER B 96 16.35 23.23 -37.50
CA SER B 96 14.92 22.98 -37.59
C SER B 96 14.23 24.15 -38.28
N PRO B 97 13.12 23.91 -39.03
CA PRO B 97 12.32 25.00 -39.61
C PRO B 97 11.44 25.77 -38.63
N TRP B 98 11.33 25.25 -37.40
CA TRP B 98 10.59 25.92 -36.35
C TRP B 98 11.15 27.32 -36.11
N ARG B 99 10.26 28.32 -36.10
CA ARG B 99 10.64 29.73 -35.94
C ARG B 99 11.71 30.09 -36.97
N ARG B 100 11.61 29.53 -38.18
CA ARG B 100 12.57 29.75 -39.26
C ARG B 100 14.02 29.59 -38.81
N GLY B 101 14.27 28.57 -37.99
CA GLY B 101 15.61 28.20 -37.54
C GLY B 101 16.10 29.01 -36.33
N LYS B 102 15.28 29.94 -35.83
CA LYS B 102 15.78 30.84 -34.81
C LYS B 102 15.07 30.56 -33.49
N GLY B 103 14.52 29.36 -33.36
CA GLY B 103 13.70 29.02 -32.21
C GLY B 103 14.55 28.77 -30.97
N ASP B 104 13.98 29.06 -29.80
CA ASP B 104 14.64 28.74 -28.56
C ASP B 104 13.55 28.35 -27.55
N LEU B 105 13.36 27.03 -27.35
CA LEU B 105 12.24 26.61 -26.51
C LEU B 105 12.47 26.98 -25.04
N LEU B 106 13.72 26.96 -24.60
CA LEU B 106 14.06 27.31 -23.23
C LEU B 106 13.74 28.79 -23.02
N LEU B 107 13.98 29.61 -24.05
CA LEU B 107 13.72 31.03 -23.92
C LEU B 107 12.23 31.30 -23.82
N GLU B 108 11.46 30.64 -24.70
CA GLU B 108 10.02 30.84 -24.79
C GLU B 108 9.39 30.43 -23.47
N VAL B 109 9.86 29.30 -22.92
CA VAL B 109 9.29 28.81 -21.69
C VAL B 109 9.67 29.74 -20.53
N SER B 110 10.94 30.16 -20.47
CA SER B 110 11.46 30.99 -19.38
C SER B 110 10.78 32.35 -19.35
N GLN B 111 10.51 32.93 -20.53
CA GLN B 111 9.84 34.23 -20.60
C GLN B 111 8.47 34.11 -19.93
N ALA B 112 7.71 33.09 -20.34
CA ALA B 112 6.39 32.86 -19.77
C ALA B 112 6.52 32.56 -18.27
N ALA B 113 7.50 31.73 -17.89
CA ALA B 113 7.64 31.34 -16.50
C ALA B 113 7.98 32.56 -15.64
N THR B 114 8.81 33.47 -16.17
CA THR B 114 9.15 34.69 -15.48
C THR B 114 7.90 35.55 -15.28
N GLU B 115 7.08 35.67 -16.33
CA GLU B 115 5.84 36.42 -16.24
C GLU B 115 4.98 35.92 -15.08
N PHE B 116 4.81 34.60 -14.99
CA PHE B 116 3.85 33.96 -14.10
C PHE B 116 4.49 33.56 -12.76
N ASP B 117 5.74 33.95 -12.53
CA ASP B 117 6.51 33.54 -11.36
C ASP B 117 6.38 32.03 -11.15
N MET B 118 6.73 31.27 -12.21
CA MET B 118 6.73 29.82 -12.18
C MET B 118 8.18 29.37 -12.06
N ASP B 119 8.53 28.72 -10.95
CA ASP B 119 9.89 28.19 -10.81
C ASP B 119 10.18 27.21 -11.93
N MET B 120 11.48 27.04 -12.24
N MET B 120 11.45 27.07 -12.31
CA MET B 120 11.93 26.32 -13.42
CA MET B 120 11.77 26.19 -13.42
C MET B 120 12.87 25.18 -13.04
C MET B 120 12.83 25.18 -13.04
N GLY B 121 12.71 24.03 -13.71
CA GLY B 121 13.72 22.99 -13.68
C GLY B 121 14.18 22.71 -15.10
N VAL B 122 15.34 22.07 -15.26
CA VAL B 122 15.77 21.73 -16.62
C VAL B 122 16.28 20.29 -16.63
N TYR B 123 15.85 19.54 -17.66
CA TYR B 123 16.26 18.16 -17.86
C TYR B 123 17.23 18.12 -19.04
N LEU B 124 18.46 17.64 -18.78
CA LEU B 124 19.49 17.53 -19.80
C LEU B 124 20.04 16.10 -19.74
N SER B 125 19.69 15.27 -20.74
CA SER B 125 19.91 13.82 -20.63
C SER B 125 21.41 13.47 -20.61
N PRO B 126 21.91 12.82 -19.56
CA PRO B 126 23.29 12.33 -19.57
C PRO B 126 23.56 11.39 -20.75
N TRP B 127 22.71 10.36 -20.91
CA TRP B 127 22.83 9.49 -22.09
C TRP B 127 22.53 10.31 -23.34
N ASP B 128 23.44 10.29 -24.32
CA ASP B 128 23.19 11.04 -25.54
C ASP B 128 23.43 10.11 -26.72
N ALA B 129 22.35 9.71 -27.39
CA ALA B 129 22.43 8.73 -28.49
C ALA B 129 22.95 9.36 -29.78
N HIS B 130 22.96 10.68 -29.84
CA HIS B 130 23.39 11.36 -31.05
C HIS B 130 24.89 11.66 -31.01
N SER B 131 25.36 12.27 -29.90
CA SER B 131 26.67 12.90 -29.88
C SER B 131 27.76 11.93 -30.30
N PRO B 132 28.64 12.33 -31.24
CA PRO B 132 29.83 11.53 -31.55
C PRO B 132 30.82 11.46 -30.39
N LEU B 133 30.63 12.31 -29.36
CA LEU B 133 31.50 12.26 -28.19
C LEU B 133 31.04 11.21 -27.18
N TYR B 134 29.82 10.68 -27.34
CA TYR B 134 29.32 9.74 -26.35
C TYR B 134 29.94 8.36 -26.56
N HIS B 135 31.16 8.19 -26.05
CA HIS B 135 31.91 6.96 -26.22
C HIS B 135 32.96 6.89 -25.11
N VAL B 136 33.27 5.67 -24.65
CA VAL B 136 34.29 5.54 -23.60
C VAL B 136 35.61 6.15 -24.06
N ASP B 137 35.90 6.07 -25.36
CA ASP B 137 37.16 6.59 -25.89
C ASP B 137 37.19 8.11 -25.83
N ARG B 138 36.00 8.74 -25.69
CA ARG B 138 35.89 10.19 -25.80
C ARG B 138 35.18 10.74 -24.55
N GLU B 139 35.30 10.01 -23.43
CA GLU B 139 34.58 10.30 -22.20
C GLU B 139 34.80 11.72 -21.72
N ALA B 140 36.06 12.16 -21.68
CA ALA B 140 36.38 13.49 -21.15
C ALA B 140 35.77 14.56 -22.05
N ASP B 141 35.74 14.31 -23.37
CA ASP B 141 35.14 15.25 -24.30
C ASP B 141 33.62 15.31 -24.10
N TYR B 142 32.98 14.17 -23.84
CA TYR B 142 31.54 14.21 -23.64
C TYR B 142 31.19 14.95 -22.35
N ASN B 143 31.91 14.64 -21.26
CA ASN B 143 31.72 15.37 -20.02
C ASN B 143 31.87 16.89 -20.22
N ALA B 144 32.85 17.31 -21.06
CA ALA B 144 33.08 18.74 -21.28
C ALA B 144 31.91 19.36 -22.04
N TYR B 145 31.31 18.58 -22.95
CA TYR B 145 30.16 18.99 -23.73
C TYR B 145 28.97 19.19 -22.78
N TYR B 146 28.75 18.19 -21.92
CA TYR B 146 27.60 18.27 -21.01
C TYR B 146 27.78 19.47 -20.07
N LEU B 147 28.99 19.64 -19.54
CA LEU B 147 29.32 20.76 -18.65
C LEU B 147 29.11 22.10 -19.34
N ALA B 148 29.60 22.24 -20.58
CA ALA B 148 29.43 23.47 -21.33
C ALA B 148 27.94 23.83 -21.51
N GLN B 149 27.10 22.80 -21.68
CA GLN B 149 25.68 23.08 -21.82
C GLN B 149 25.06 23.50 -20.50
N LEU B 150 25.43 22.84 -19.40
CA LEU B 150 24.98 23.30 -18.09
C LEU B 150 25.26 24.79 -17.94
N LYS B 151 26.45 25.24 -18.37
CA LYS B 151 26.82 26.65 -18.25
C LYS B 151 25.93 27.54 -19.12
N GLU B 152 25.67 27.09 -20.36
CA GLU B 152 24.82 27.83 -21.28
C GLU B 152 23.45 28.02 -20.64
N ILE B 153 22.96 26.95 -19.99
CA ILE B 153 21.60 26.96 -19.46
C ILE B 153 21.56 27.78 -18.18
N LEU B 154 22.53 27.56 -17.30
CA LEU B 154 22.36 27.99 -15.92
C LEU B 154 22.98 29.37 -15.67
N SER B 155 23.63 29.97 -16.67
CA SER B 155 24.36 31.22 -16.47
C SER B 155 23.67 32.38 -17.19
N ASN B 156 22.66 32.05 -18.00
CA ASN B 156 22.04 33.04 -18.88
C ASN B 156 20.84 33.67 -18.17
N PRO B 157 20.80 35.01 -17.91
CA PRO B 157 19.69 35.62 -17.17
C PRO B 157 18.34 35.50 -17.84
N ASN B 158 18.34 35.21 -19.15
CA ASN B 158 17.13 35.08 -19.94
C ASN B 158 16.51 33.70 -19.79
N TYR B 159 17.23 32.78 -19.15
CA TYR B 159 16.71 31.44 -18.91
C TYR B 159 16.34 31.29 -17.44
N GLY B 160 15.32 30.47 -17.17
CA GLY B 160 14.87 30.26 -15.80
C GLY B 160 13.77 31.25 -15.45
N ASN B 161 13.39 31.24 -14.17
CA ASN B 161 12.46 32.20 -13.62
C ASN B 161 13.27 33.38 -13.13
N ALA B 162 13.25 34.44 -13.94
CA ALA B 162 14.10 35.60 -13.71
C ALA B 162 15.53 35.14 -13.45
N GLY B 163 16.02 34.26 -14.33
CA GLY B 163 17.42 33.83 -14.26
C GLY B 163 17.68 32.72 -13.22
N LYS B 164 16.65 32.26 -12.51
CA LYS B 164 16.89 31.28 -11.45
C LYS B 164 16.33 29.91 -11.86
N PHE B 165 17.11 28.86 -11.58
CA PHE B 165 16.63 27.49 -11.70
C PHE B 165 16.50 26.85 -10.33
N ALA B 166 15.41 26.09 -10.16
CA ALA B 166 15.15 25.43 -8.87
C ALA B 166 15.56 23.95 -8.89
N GLU B 167 15.71 23.35 -10.07
CA GLU B 167 16.01 21.90 -10.10
C GLU B 167 16.72 21.59 -11.41
N VAL B 168 17.74 20.71 -11.31
CA VAL B 168 18.39 20.17 -12.50
C VAL B 168 18.14 18.65 -12.49
N TRP B 169 17.72 18.11 -13.64
CA TRP B 169 17.36 16.70 -13.76
C TRP B 169 18.40 15.96 -14.58
N MET B 170 19.04 14.95 -13.97
CA MET B 170 20.01 14.09 -14.64
C MET B 170 19.45 12.66 -14.66
N ASN B 171 18.71 12.33 -15.73
CA ASN B 171 18.11 11.01 -15.86
C ASN B 171 19.16 9.91 -15.82
N GLY B 172 18.85 8.81 -15.11
CA GLY B 172 19.76 7.68 -15.01
C GLY B 172 19.62 6.66 -16.15
N ALA B 173 18.60 6.81 -17.00
CA ALA B 173 18.33 5.81 -18.03
C ALA B 173 19.39 5.78 -19.13
N ARG B 174 19.76 4.55 -19.53
CA ARG B 174 20.60 4.35 -20.71
C ARG B 174 20.22 3.02 -21.35
N GLY B 175 20.13 3.01 -22.68
CA GLY B 175 19.82 1.77 -23.41
C GLY B 175 20.90 0.72 -23.23
N GLU B 176 20.50 -0.57 -23.23
CA GLU B 176 21.37 -1.70 -22.99
C GLU B 176 22.57 -1.70 -23.96
N GLY B 177 22.37 -1.27 -25.20
CA GLY B 177 23.45 -1.35 -26.18
C GLY B 177 24.49 -0.21 -26.05
N ALA B 178 24.20 0.81 -25.25
CA ALA B 178 24.90 2.08 -25.40
C ALA B 178 26.31 2.01 -24.80
N GLN B 179 27.16 2.98 -25.20
CA GLN B 179 28.50 3.18 -24.67
C GLN B 179 28.44 3.44 -23.16
N LYS B 180 29.35 2.81 -22.42
CA LYS B 180 29.35 2.82 -20.96
C LYS B 180 30.14 4.02 -20.44
N VAL B 181 29.72 5.21 -20.85
CA VAL B 181 30.37 6.45 -20.48
C VAL B 181 30.17 6.70 -18.98
N ASN B 182 31.22 7.15 -18.29
CA ASN B 182 31.10 7.57 -16.89
C ASN B 182 31.04 9.08 -16.82
N TYR B 183 30.31 9.62 -15.85
CA TYR B 183 30.08 11.06 -15.79
C TYR B 183 30.90 11.70 -14.68
N GLU B 184 31.29 12.96 -14.94
CA GLU B 184 32.05 13.75 -13.99
C GLU B 184 31.08 14.48 -13.05
N PHE B 185 30.32 13.69 -12.27
CA PHE B 185 29.24 14.21 -11.45
C PHE B 185 29.70 15.36 -10.54
N GLU B 186 30.82 15.18 -9.83
CA GLU B 186 31.21 16.20 -8.87
C GLU B 186 31.51 17.53 -9.55
N LYS B 187 32.16 17.49 -10.73
CA LYS B 187 32.42 18.71 -11.48
C LYS B 187 31.11 19.36 -11.91
N TRP B 188 30.15 18.53 -12.33
CA TRP B 188 28.88 19.07 -12.77
C TRP B 188 28.20 19.77 -11.59
N PHE B 189 28.24 19.12 -10.43
CA PHE B 189 27.52 19.67 -9.26
C PHE B 189 28.16 20.97 -8.82
N GLU B 190 29.50 21.05 -8.90
CA GLU B 190 30.20 22.27 -8.54
C GLU B 190 29.75 23.44 -9.43
N THR B 191 29.63 23.22 -10.74
CA THR B 191 29.19 24.26 -11.65
C THR B 191 27.74 24.66 -11.35
N ILE B 192 26.89 23.66 -11.06
CA ILE B 192 25.52 23.98 -10.70
C ILE B 192 25.48 24.88 -9.46
N ARG B 193 26.32 24.60 -8.45
CA ARG B 193 26.38 25.45 -7.26
C ARG B 193 26.92 26.85 -7.59
N ASP B 194 27.95 26.92 -8.44
N ASP B 194 27.91 26.91 -8.48
CA ASP B 194 28.53 28.20 -8.82
CA ASP B 194 28.57 28.16 -8.83
C ASP B 194 27.46 29.10 -9.39
C ASP B 194 27.59 29.09 -9.53
N LEU B 195 26.64 28.53 -10.29
CA LEU B 195 25.73 29.34 -11.06
C LEU B 195 24.37 29.50 -10.39
N GLN B 196 23.99 28.56 -9.52
CA GLN B 196 22.59 28.48 -9.11
C GLN B 196 22.46 28.11 -7.63
N GLY B 197 23.57 28.20 -6.88
CA GLY B 197 23.56 27.95 -5.43
C GLY B 197 23.00 26.58 -5.05
N ASP B 198 21.90 26.64 -4.26
N ASP B 198 22.04 26.50 -4.11
CA ASP B 198 21.32 25.51 -3.55
CA ASP B 198 21.64 25.15 -3.70
C ASP B 198 20.35 24.75 -4.44
C ASP B 198 20.39 24.70 -4.45
N CYS B 199 20.32 25.08 -5.74
CA CYS B 199 19.46 24.46 -6.73
C CYS B 199 19.41 22.94 -6.50
N LEU B 200 18.20 22.36 -6.46
CA LEU B 200 18.08 20.93 -6.21
C LEU B 200 18.57 20.12 -7.41
N ILE B 201 19.15 18.94 -7.15
CA ILE B 201 19.61 18.07 -8.24
C ILE B 201 19.01 16.67 -8.11
N PHE B 202 18.32 16.23 -9.17
CA PHE B 202 17.85 14.86 -9.30
C PHE B 202 18.93 14.09 -10.07
N SER B 203 19.45 13.03 -9.45
CA SER B 203 20.47 12.21 -10.12
C SER B 203 20.43 10.81 -9.52
N THR B 204 21.24 9.90 -10.09
CA THR B 204 21.38 8.57 -9.50
C THR B 204 22.32 8.62 -8.30
N GLU B 205 22.97 9.78 -8.07
CA GLU B 205 23.98 9.88 -7.01
C GLU B 205 23.39 10.52 -5.75
N GLY B 206 24.25 10.77 -4.75
CA GLY B 206 23.76 11.25 -3.45
C GLY B 206 23.47 12.75 -3.43
N THR B 207 22.54 13.17 -4.30
CA THR B 207 22.13 14.56 -4.43
C THR B 207 20.85 14.80 -3.62
N SER B 208 20.30 16.02 -3.72
CA SER B 208 19.21 16.45 -2.85
C SER B 208 17.87 15.79 -3.21
N ILE B 209 17.74 15.32 -4.46
CA ILE B 209 16.55 14.60 -4.93
C ILE B 209 17.00 13.26 -5.49
N ARG B 210 16.26 12.19 -5.11
CA ARG B 210 16.42 10.88 -5.74
C ARG B 210 15.13 10.46 -6.42
N TRP B 211 15.27 9.45 -7.29
CA TRP B 211 14.09 8.80 -7.86
C TRP B 211 13.34 8.00 -6.77
N ILE B 212 12.00 8.01 -6.79
CA ILE B 212 11.21 7.18 -5.88
C ILE B 212 11.27 5.69 -6.26
N GLY B 213 11.73 5.38 -7.47
CA GLY B 213 11.96 3.99 -7.84
C GLY B 213 10.80 3.38 -8.65
N ASN B 214 9.83 4.22 -9.02
CA ASN B 214 8.85 3.79 -10.00
C ASN B 214 8.38 5.05 -10.74
N GLN B 215 7.62 4.86 -11.81
N GLN B 215 7.63 4.88 -11.83
CA GLN B 215 7.03 5.97 -12.56
CA GLN B 215 7.04 6.05 -12.47
C GLN B 215 5.50 5.93 -12.45
C GLN B 215 5.52 5.96 -12.41
N ARG B 216 5.01 5.51 -11.26
CA ARG B 216 3.58 5.30 -11.04
C ARG B 216 3.03 6.37 -10.11
N GLY B 217 3.92 7.18 -9.56
CA GLY B 217 3.55 8.19 -8.60
C GLY B 217 3.32 7.59 -7.21
N TYR B 218 4.05 6.50 -6.89
CA TYR B 218 3.81 5.76 -5.66
C TYR B 218 5.03 5.85 -4.72
N ALA B 219 4.88 6.57 -3.60
CA ALA B 219 5.88 6.57 -2.54
C ALA B 219 5.52 5.45 -1.57
N GLY B 220 6.55 4.80 -1.02
CA GLY B 220 6.30 3.74 -0.05
C GLY B 220 5.81 4.22 1.30
N ASP B 221 5.31 3.27 2.10
CA ASP B 221 5.12 3.49 3.52
C ASP B 221 5.83 2.34 4.22
N PRO B 222 6.96 2.58 4.93
CA PRO B 222 7.44 3.93 5.24
C PRO B 222 8.01 4.69 4.05
N LEU B 223 8.03 6.04 4.16
CA LEU B 223 8.91 6.85 3.32
C LEU B 223 9.85 7.69 4.19
N TRP B 224 11.09 7.20 4.28
CA TRP B 224 12.15 7.96 4.93
C TRP B 224 12.76 8.84 3.85
N GLN B 225 12.73 10.16 4.10
CA GLN B 225 13.30 11.10 3.16
C GLN B 225 14.79 11.26 3.46
N LYS B 226 15.48 10.11 3.41
CA LYS B 226 16.91 10.12 3.69
C LYS B 226 17.49 8.82 3.13
N VAL B 227 18.78 8.86 2.76
CA VAL B 227 19.42 7.66 2.23
C VAL B 227 20.89 7.71 2.60
N ASN B 228 21.56 6.59 2.33
CA ASN B 228 23.00 6.49 2.39
C ASN B 228 23.51 6.51 0.95
N PRO B 229 24.37 7.47 0.57
CA PRO B 229 24.85 7.55 -0.81
C PRO B 229 25.53 6.27 -1.31
N ASP B 230 26.03 5.45 -0.38
N ASP B 230 26.03 5.46 -0.39
CA ASP B 230 26.72 4.21 -0.75
CA ASP B 230 26.71 4.23 -0.79
C ASP B 230 25.74 3.14 -1.26
C ASP B 230 25.75 3.20 -1.38
N LYS B 231 24.44 3.39 -1.14
CA LYS B 231 23.44 2.44 -1.64
C LYS B 231 22.67 3.03 -2.82
N LEU B 232 23.19 4.10 -3.45
CA LEU B 232 22.53 4.67 -4.62
C LEU B 232 23.25 4.19 -5.87
N GLY B 233 23.46 5.08 -6.86
CA GLY B 233 23.95 4.64 -8.17
C GLY B 233 22.83 4.05 -9.02
N THR B 234 23.18 3.61 -10.24
CA THR B 234 22.17 3.07 -11.16
C THR B 234 21.59 1.74 -10.67
N GLU B 235 22.32 1.01 -9.80
CA GLU B 235 21.84 -0.27 -9.32
C GLU B 235 21.19 -0.15 -7.94
N ALA B 236 20.83 1.08 -7.51
CA ALA B 236 20.07 1.21 -6.27
C ALA B 236 18.89 0.25 -6.34
N GLU B 237 18.59 -0.45 -5.23
CA GLU B 237 17.39 -1.26 -5.18
C GLU B 237 16.16 -0.35 -5.27
N LEU B 238 15.16 -0.78 -6.04
CA LEU B 238 13.94 0.00 -6.16
C LEU B 238 13.27 0.22 -4.80
N ASN B 239 13.23 -0.82 -3.95
CA ASN B 239 12.55 -0.65 -2.66
C ASN B 239 13.31 0.34 -1.75
N TYR B 240 14.62 0.39 -1.89
CA TYR B 240 15.44 1.34 -1.16
C TYR B 240 15.08 2.78 -1.55
N LEU B 241 14.97 3.03 -2.86
CA LEU B 241 14.53 4.33 -3.33
C LEU B 241 13.11 4.66 -2.85
N GLN B 242 12.21 3.65 -2.87
CA GLN B 242 10.80 3.84 -2.64
C GLN B 242 10.49 4.10 -1.16
N HIS B 243 11.32 3.56 -0.26
CA HIS B 243 11.07 3.68 1.16
C HIS B 243 12.13 4.52 1.87
N GLY B 244 13.24 4.80 1.20
CA GLY B 244 14.36 5.46 1.87
C GLY B 244 14.97 4.50 2.89
N ASP B 245 15.82 5.10 3.75
CA ASP B 245 16.70 4.37 4.65
C ASP B 245 16.45 4.88 6.06
N PRO B 246 15.95 4.04 6.98
CA PRO B 246 15.73 4.46 8.36
C PRO B 246 17.01 5.02 9.00
N SER B 247 18.16 4.60 8.49
CA SER B 247 19.46 5.08 8.99
C SER B 247 20.19 5.94 7.95
N GLY B 248 19.44 6.58 7.04
CA GLY B 248 20.05 7.39 6.00
C GLY B 248 20.94 8.53 6.54
N THR B 249 21.98 8.90 5.81
CA THR B 249 22.96 9.88 6.30
C THR B 249 22.82 11.24 5.59
N ILE B 250 22.05 11.30 4.50
CA ILE B 250 21.75 12.58 3.86
C ILE B 250 20.24 12.73 3.73
N PHE B 251 19.75 13.97 3.85
CA PHE B 251 18.33 14.21 3.58
C PHE B 251 18.15 14.13 2.08
N SER B 252 17.10 13.40 1.65
CA SER B 252 16.92 13.09 0.23
C SER B 252 15.41 13.06 -0.05
N ILE B 253 14.95 13.84 -1.02
CA ILE B 253 13.52 13.81 -1.37
C ILE B 253 13.34 12.74 -2.45
N GLY B 254 12.50 11.73 -2.20
CA GLY B 254 12.13 10.73 -3.21
C GLY B 254 11.02 11.30 -4.11
N GLU B 255 11.42 12.00 -5.17
CA GLU B 255 10.48 12.69 -6.05
C GLU B 255 9.62 11.65 -6.79
N ALA B 256 8.29 11.86 -6.77
CA ALA B 256 7.37 10.92 -7.40
C ALA B 256 6.97 11.43 -8.78
N ASP B 257 7.71 10.98 -9.80
CA ASP B 257 7.45 11.43 -11.18
C ASP B 257 6.51 10.46 -11.87
N VAL B 258 5.54 11.01 -12.62
CA VAL B 258 4.58 10.15 -13.31
C VAL B 258 3.97 10.96 -14.45
N SER B 259 3.64 10.28 -15.55
CA SER B 259 3.02 10.93 -16.68
C SER B 259 1.50 10.90 -16.53
N ILE B 260 0.86 11.95 -17.05
CA ILE B 260 -0.60 11.98 -17.12
C ILE B 260 -1.11 10.95 -18.14
N ARG B 261 -0.22 10.43 -18.99
CA ARG B 261 -0.54 9.43 -20.01
C ARG B 261 0.33 8.19 -19.80
N PRO B 262 0.09 7.07 -20.53
CA PRO B 262 1.00 5.92 -20.49
C PRO B 262 2.46 6.25 -20.83
N GLY B 263 2.66 7.08 -21.83
CA GLY B 263 3.99 7.49 -22.25
C GLY B 263 4.31 8.89 -21.73
N TRP B 264 5.60 9.23 -21.78
CA TRP B 264 6.05 10.53 -21.37
C TRP B 264 5.86 11.52 -22.52
N PHE B 265 6.00 11.05 -23.76
CA PHE B 265 5.76 11.94 -24.88
C PHE B 265 4.28 11.86 -25.25
N TYR B 266 3.79 12.85 -26.00
CA TYR B 266 2.41 12.85 -26.46
C TYR B 266 2.23 11.84 -27.60
N HIS B 267 1.19 11.00 -27.46
CA HIS B 267 0.78 10.03 -28.46
C HIS B 267 -0.71 10.20 -28.71
N GLU B 268 -1.06 10.31 -30.00
CA GLU B 268 -2.44 10.51 -30.43
C GLU B 268 -3.37 9.45 -29.84
N ASP B 269 -2.93 8.19 -29.85
CA ASP B 269 -3.80 7.07 -29.48
C ASP B 269 -3.89 6.88 -27.97
N GLN B 270 -3.30 7.79 -27.18
CA GLN B 270 -3.36 7.63 -25.72
C GLN B 270 -4.25 8.70 -25.11
N ASP B 271 -4.80 8.43 -23.92
CA ASP B 271 -5.63 9.40 -23.20
C ASP B 271 -5.05 9.68 -21.81
N PRO B 272 -5.39 10.82 -21.17
CA PRO B 272 -4.95 11.14 -19.80
C PRO B 272 -5.62 10.22 -18.78
N LYS B 273 -4.97 10.13 -17.63
CA LYS B 273 -5.49 9.41 -16.48
C LYS B 273 -6.79 10.06 -16.02
N SER B 274 -7.70 9.22 -15.49
CA SER B 274 -8.91 9.73 -14.87
C SER B 274 -8.57 10.58 -13.65
N LEU B 275 -9.54 11.40 -13.24
CA LEU B 275 -9.47 12.17 -12.02
C LEU B 275 -9.24 11.22 -10.83
N GLU B 276 -9.99 10.12 -10.83
CA GLU B 276 -9.88 9.14 -9.75
C GLU B 276 -8.45 8.62 -9.62
N GLU B 277 -7.83 8.32 -10.77
CA GLU B 277 -6.47 7.81 -10.82
C GLU B 277 -5.52 8.88 -10.29
N LEU B 278 -5.73 10.14 -10.69
CA LEU B 278 -4.84 11.20 -10.23
C LEU B 278 -4.96 11.41 -8.73
N VAL B 279 -6.18 11.21 -8.20
CA VAL B 279 -6.43 11.38 -6.79
C VAL B 279 -5.69 10.28 -6.02
N GLU B 280 -5.73 9.04 -6.52
CA GLU B 280 -4.97 7.96 -5.88
C GLU B 280 -3.47 8.28 -5.85
N ILE B 281 -2.93 8.72 -7.00
CA ILE B 281 -1.53 9.14 -7.09
C ILE B 281 -1.25 10.22 -6.05
N TYR B 282 -2.15 11.19 -5.93
CA TYR B 282 -1.96 12.31 -5.00
C TYR B 282 -1.79 11.80 -3.57
N PHE B 283 -2.71 10.93 -3.16
CA PHE B 283 -2.64 10.41 -1.80
C PHE B 283 -1.38 9.60 -1.54
N HIS B 284 -0.82 8.98 -2.59
CA HIS B 284 0.35 8.14 -2.40
C HIS B 284 1.66 8.86 -2.67
N SER B 285 1.61 10.16 -3.00
CA SER B 285 2.82 10.94 -3.23
C SER B 285 2.83 12.10 -2.23
N VAL B 286 2.08 13.17 -2.53
CA VAL B 286 1.94 14.29 -1.62
C VAL B 286 1.41 13.81 -0.27
N GLY B 287 0.49 12.84 -0.30
CA GLY B 287 -0.12 12.36 0.93
C GLY B 287 0.80 11.42 1.73
N ARG B 288 1.98 11.12 1.18
CA ARG B 288 3.02 10.39 1.92
C ARG B 288 4.29 11.22 2.12
N GLY B 289 4.18 12.54 1.93
CA GLY B 289 5.24 13.45 2.34
C GLY B 289 6.29 13.72 1.27
N THR B 290 5.95 13.49 0.00
CA THR B 290 6.88 13.77 -1.08
C THR B 290 6.19 14.50 -2.23
N PRO B 291 6.91 15.34 -3.02
CA PRO B 291 6.30 16.03 -4.15
C PRO B 291 5.87 15.14 -5.30
N LEU B 292 4.78 15.54 -5.97
CA LEU B 292 4.31 14.94 -7.20
C LEU B 292 4.80 15.75 -8.39
N LEU B 293 5.55 15.08 -9.25
CA LEU B 293 6.03 15.67 -10.49
C LEU B 293 5.25 15.04 -11.64
N LEU B 294 4.23 15.78 -12.15
CA LEU B 294 3.31 15.23 -13.13
C LEU B 294 3.65 15.73 -14.53
N ASN B 295 3.90 14.79 -15.45
CA ASN B 295 4.30 15.07 -16.82
C ASN B 295 3.06 15.29 -17.70
N ILE B 296 3.05 16.43 -18.39
N ILE B 296 3.01 16.44 -18.36
CA ILE B 296 2.02 16.83 -19.34
CA ILE B 296 1.97 16.67 -19.36
C ILE B 296 2.71 17.03 -20.68
C ILE B 296 2.67 17.02 -20.66
N PRO B 297 2.54 16.14 -21.69
CA PRO B 297 3.28 16.27 -22.95
C PRO B 297 2.53 17.07 -24.01
N PRO B 298 3.10 18.20 -24.50
CA PRO B 298 2.48 18.92 -25.62
C PRO B 298 2.41 18.03 -26.86
N ASN B 299 1.38 18.28 -27.69
CA ASN B 299 1.18 17.56 -28.93
C ASN B 299 2.04 18.15 -30.08
N GLN B 300 1.75 17.69 -31.30
CA GLN B 300 2.53 18.05 -32.48
C GLN B 300 2.35 19.51 -32.87
N ALA B 301 1.24 20.12 -32.43
CA ALA B 301 1.00 21.53 -32.65
C ALA B 301 1.73 22.34 -31.58
N GLY B 302 2.35 21.64 -30.60
CA GLY B 302 3.03 22.33 -29.51
C GLY B 302 2.05 22.88 -28.46
N LEU B 303 0.90 22.20 -28.31
CA LEU B 303 -0.09 22.60 -27.31
C LEU B 303 -0.43 21.40 -26.43
N PHE B 304 -0.86 21.67 -25.20
CA PHE B 304 -1.42 20.62 -24.35
C PHE B 304 -2.75 20.18 -24.94
N ASP B 305 -2.98 18.87 -24.90
CA ASP B 305 -4.23 18.28 -25.35
C ASP B 305 -5.41 18.85 -24.56
N ALA B 306 -6.56 19.03 -25.23
CA ALA B 306 -7.70 19.65 -24.55
C ALA B 306 -8.19 18.79 -23.38
N LYS B 307 -8.15 17.46 -23.52
CA LYS B 307 -8.56 16.58 -22.43
C LYS B 307 -7.60 16.72 -21.24
N ASP B 308 -6.29 16.79 -21.50
CA ASP B 308 -5.32 16.91 -20.42
C ASP B 308 -5.58 18.19 -19.63
N ILE B 309 -5.86 19.29 -20.34
CA ILE B 309 -6.09 20.57 -19.68
C ILE B 309 -7.27 20.50 -18.71
N GLU B 310 -8.39 19.94 -19.19
CA GLU B 310 -9.62 19.83 -18.41
C GLU B 310 -9.33 19.00 -17.16
N ARG B 311 -8.57 17.92 -17.35
CA ARG B 311 -8.20 17.00 -16.29
C ARG B 311 -7.38 17.73 -15.21
N LEU B 312 -6.49 18.64 -15.61
CA LEU B 312 -5.70 19.41 -14.67
C LEU B 312 -6.57 20.36 -13.84
N TYR B 313 -7.60 20.95 -14.48
CA TYR B 313 -8.53 21.79 -13.75
C TYR B 313 -9.37 20.97 -12.78
N GLU B 314 -9.82 19.78 -13.20
CA GLU B 314 -10.63 18.91 -12.36
C GLU B 314 -9.82 18.50 -11.12
N PHE B 315 -8.55 18.18 -11.34
CA PHE B 315 -7.62 17.80 -10.29
C PHE B 315 -7.43 18.97 -9.32
N ALA B 316 -7.25 20.19 -9.81
CA ALA B 316 -7.09 21.35 -8.94
C ALA B 316 -8.36 21.57 -8.12
N THR B 317 -9.53 21.42 -8.78
CA THR B 317 -10.80 21.63 -8.10
C THR B 317 -10.92 20.67 -6.90
N TYR B 318 -10.66 19.40 -7.17
CA TYR B 318 -10.62 18.36 -6.15
C TYR B 318 -9.80 18.81 -4.94
N ARG B 319 -8.55 19.25 -5.17
CA ARG B 319 -7.68 19.54 -4.05
C ARG B 319 -8.22 20.71 -3.25
N ASN B 320 -8.74 21.73 -3.96
CA ASN B 320 -9.26 22.92 -3.33
C ASN B 320 -10.43 22.56 -2.41
N GLU B 321 -11.34 21.71 -2.90
N GLU B 321 -11.30 21.64 -2.86
CA GLU B 321 -12.47 21.25 -2.11
CA GLU B 321 -12.49 21.27 -2.11
C GLU B 321 -11.94 20.53 -0.87
C GLU B 321 -12.14 20.28 -0.98
N LEU B 322 -11.02 19.58 -1.09
CA LEU B 322 -10.55 18.71 -0.02
C LEU B 322 -10.11 19.54 1.18
N TYR B 323 -9.37 20.61 0.90
CA TYR B 323 -8.70 21.36 1.95
C TYR B 323 -9.56 22.54 2.43
N LYS B 324 -10.79 22.63 1.91
CA LYS B 324 -11.61 23.81 2.17
C LYS B 324 -11.85 23.99 3.67
N GLU B 325 -12.16 22.88 4.37
CA GLU B 325 -12.38 23.03 5.79
C GLU B 325 -11.56 22.01 6.59
N ASP B 326 -10.73 22.53 7.49
CA ASP B 326 -10.06 21.70 8.49
C ASP B 326 -10.98 21.50 9.68
N LEU B 327 -11.59 20.30 9.76
CA LEU B 327 -12.56 19.96 10.78
C LEU B 327 -11.95 19.86 12.19
N ALA B 328 -10.61 19.81 12.29
CA ALA B 328 -9.95 19.68 13.58
C ALA B 328 -9.60 21.04 14.18
N LEU B 329 -9.70 22.12 13.40
CA LEU B 329 -9.28 23.43 13.90
C LEU B 329 -9.98 23.76 15.22
N GLY B 330 -9.19 24.15 16.24
CA GLY B 330 -9.69 24.55 17.54
C GLY B 330 -10.15 23.39 18.43
N ALA B 331 -10.01 22.13 17.99
CA ALA B 331 -10.37 21.01 18.84
C ALA B 331 -9.49 21.00 20.09
N GLU B 332 -10.04 20.52 21.22
CA GLU B 332 -9.28 20.34 22.45
C GLU B 332 -8.42 19.08 22.31
N VAL B 333 -7.12 19.21 22.62
CA VAL B 333 -6.20 18.10 22.46
C VAL B 333 -5.60 17.73 23.81
N SER B 334 -5.70 16.45 24.20
CA SER B 334 -5.16 16.03 25.49
C SER B 334 -4.11 14.93 25.28
N GLY B 335 -3.16 14.89 26.21
CA GLY B 335 -2.06 13.94 26.17
C GLY B 335 -0.79 14.52 26.77
N PRO B 336 0.32 13.76 26.79
CA PRO B 336 1.57 14.25 27.37
C PRO B 336 2.19 15.32 26.48
N ALA B 337 2.91 16.24 27.12
CA ALA B 337 3.57 17.31 26.38
C ALA B 337 4.85 17.71 27.12
N LEU B 338 5.89 18.01 26.34
CA LEU B 338 7.23 18.20 26.88
C LEU B 338 7.24 19.43 27.80
N SER B 339 6.51 20.47 27.39
CA SER B 339 6.54 21.74 28.08
C SER B 339 5.39 22.62 27.56
N ALA B 340 5.18 23.77 28.20
CA ALA B 340 4.21 24.72 27.67
C ALA B 340 4.58 25.16 26.26
N ASP B 341 5.88 25.25 25.97
CA ASP B 341 6.31 25.67 24.64
C ASP B 341 5.94 24.62 23.58
N PHE B 342 5.73 23.38 24.02
CA PHE B 342 5.37 22.29 23.10
C PHE B 342 4.00 21.70 23.43
N ALA B 343 3.03 22.55 23.81
CA ALA B 343 1.75 22.08 24.32
C ALA B 343 0.90 21.40 23.24
N CYS B 344 0.05 20.47 23.69
CA CYS B 344 -0.90 19.75 22.82
C CYS B 344 -1.77 20.71 22.03
N ARG B 345 -2.17 21.82 22.67
CA ARG B 345 -3.08 22.77 22.03
C ARG B 345 -2.49 23.36 20.74
N HIS B 346 -1.17 23.23 20.55
CA HIS B 346 -0.53 23.72 19.34
C HIS B 346 -0.88 22.92 18.09
N LEU B 347 -1.51 21.76 18.25
CA LEU B 347 -1.77 20.92 17.09
C LEU B 347 -2.97 21.42 16.29
N THR B 348 -3.85 22.22 16.93
CA THR B 348 -5.09 22.63 16.27
C THR B 348 -5.37 24.12 16.43
N ASP B 349 -4.34 24.92 16.74
CA ASP B 349 -4.51 26.35 16.99
C ASP B 349 -4.43 27.18 15.71
N GLY B 350 -4.09 26.55 14.58
CA GLY B 350 -4.08 27.23 13.30
C GLY B 350 -2.79 28.00 13.04
N LEU B 351 -1.90 28.07 14.05
CA LEU B 351 -0.65 28.82 13.98
C LEU B 351 0.51 27.88 13.62
N GLU B 352 1.19 28.21 12.51
CA GLU B 352 2.23 27.37 11.92
C GLU B 352 3.54 27.52 12.68
N THR B 353 3.54 28.35 13.74
CA THR B 353 4.75 28.58 14.53
C THR B 353 4.65 27.94 15.90
N SER B 354 3.52 27.27 16.17
CA SER B 354 3.36 26.52 17.41
C SER B 354 3.35 25.04 17.07
N SER B 355 4.07 24.25 17.87
CA SER B 355 4.16 22.81 17.66
C SER B 355 4.11 22.06 18.99
N TRP B 356 3.92 20.73 18.89
CA TRP B 356 3.81 19.84 20.03
C TRP B 356 4.99 18.89 20.02
N ALA B 357 5.43 18.46 21.20
CA ALA B 357 6.45 17.43 21.37
C ALA B 357 6.23 16.75 22.72
N SER B 358 6.76 15.53 22.86
CA SER B 358 6.73 14.82 24.12
C SER B 358 7.88 13.83 24.19
N ASP B 359 8.49 13.76 25.38
CA ASP B 359 9.53 12.77 25.64
C ASP B 359 8.98 11.65 26.52
N ALA B 360 7.65 11.52 26.60
CA ALA B 360 7.05 10.46 27.38
C ALA B 360 7.33 9.09 26.75
N ASP B 361 7.25 8.04 27.56
CA ASP B 361 7.42 6.67 27.09
C ASP B 361 6.37 6.34 26.04
N LEU B 362 6.78 5.63 24.97
CA LEU B 362 5.81 5.21 23.98
C LEU B 362 5.03 4.03 24.53
N PRO B 363 3.75 3.82 24.15
CA PRO B 363 3.06 4.67 23.17
C PRO B 363 2.58 6.02 23.72
N ILE B 364 2.62 7.04 22.86
CA ILE B 364 2.11 8.36 23.18
C ILE B 364 0.74 8.52 22.54
N GLN B 365 -0.26 8.88 23.37
CA GLN B 365 -1.63 8.97 22.89
C GLN B 365 -2.10 10.42 22.99
N LEU B 366 -2.50 10.97 21.83
CA LEU B 366 -3.07 12.30 21.76
C LEU B 366 -4.55 12.12 21.46
N GLU B 367 -5.42 12.72 22.28
CA GLU B 367 -6.84 12.62 22.00
C GLU B 367 -7.41 14.00 21.67
N LEU B 368 -8.12 14.09 20.53
CA LEU B 368 -8.83 15.30 20.09
C LEU B 368 -10.31 15.16 20.40
N ASP B 369 -10.90 16.26 20.92
CA ASP B 369 -12.35 16.39 21.05
C ASP B 369 -12.80 17.58 20.21
N LEU B 370 -13.58 17.28 19.16
CA LEU B 370 -13.98 18.26 18.15
C LEU B 370 -15.11 19.14 18.69
N GLY B 371 -15.58 18.84 19.90
CA GLY B 371 -16.64 19.59 20.57
C GLY B 371 -18.04 19.14 20.18
N SER B 372 -18.17 18.57 18.98
CA SER B 372 -19.43 18.09 18.42
C SER B 372 -19.11 17.05 17.36
N PRO B 373 -20.07 16.18 16.96
CA PRO B 373 -19.82 15.19 15.91
C PRO B 373 -19.55 15.87 14.57
N LYS B 374 -18.44 15.48 13.93
CA LYS B 374 -18.11 15.93 12.58
C LYS B 374 -17.83 14.74 11.67
N THR B 375 -18.01 14.94 10.36
CA THR B 375 -17.91 13.85 9.40
C THR B 375 -16.63 14.00 8.55
N PHE B 376 -15.79 12.95 8.52
CA PHE B 376 -14.48 13.07 7.89
C PHE B 376 -13.97 11.71 7.43
N ASP B 377 -12.96 11.69 6.56
CA ASP B 377 -12.44 10.45 6.00
C ASP B 377 -10.93 10.59 5.70
N VAL B 378 -10.34 11.70 6.14
CA VAL B 378 -8.92 11.98 5.98
C VAL B 378 -8.38 12.64 7.25
N ILE B 379 -7.24 12.15 7.74
CA ILE B 379 -6.48 12.87 8.75
C ILE B 379 -5.11 13.27 8.15
N GLU B 380 -4.65 14.45 8.55
CA GLU B 380 -3.32 14.95 8.18
C GLU B 380 -2.49 15.14 9.43
N LEU B 381 -1.23 14.62 9.38
CA LEU B 381 -0.26 14.84 10.42
C LEU B 381 0.98 15.45 9.75
N ARG B 382 1.69 16.33 10.48
CA ARG B 382 2.97 16.86 10.01
C ARG B 382 4.02 16.81 11.12
N GLU B 383 5.25 16.37 10.77
CA GLU B 383 6.39 16.51 11.67
C GLU B 383 7.05 17.87 11.46
N ASP B 384 8.06 18.18 12.29
CA ASP B 384 8.85 19.39 12.07
C ASP B 384 10.21 18.97 11.55
N LEU B 385 10.38 18.93 10.22
CA LEU B 385 11.59 18.34 9.67
C LEU B 385 12.82 19.22 9.91
N LYS B 386 12.64 20.47 10.38
CA LYS B 386 13.79 21.27 10.79
C LYS B 386 14.52 20.60 11.94
N LEU B 387 13.80 19.73 12.67
CA LEU B 387 14.37 18.95 13.76
C LEU B 387 14.59 17.49 13.36
N GLY B 388 14.35 17.16 12.08
CA GLY B 388 14.59 15.81 11.58
C GLY B 388 13.34 14.91 11.61
N GLN B 389 13.28 13.95 10.66
CA GLN B 389 12.19 12.99 10.57
C GLN B 389 12.37 11.94 11.65
N ARG B 390 11.28 11.59 12.37
CA ARG B 390 11.42 10.73 13.54
C ARG B 390 10.41 9.56 13.58
N ILE B 391 9.13 9.83 13.29
CA ILE B 391 8.08 8.86 13.58
C ILE B 391 8.21 7.64 12.66
N ALA B 392 8.17 6.45 13.27
CA ALA B 392 8.29 5.23 12.47
C ALA B 392 7.01 4.39 12.50
N ALA B 393 6.07 4.66 13.42
CA ALA B 393 4.79 3.94 13.43
C ALA B 393 3.76 4.73 14.23
N PHE B 394 2.52 4.75 13.71
CA PHE B 394 1.42 5.40 14.41
C PHE B 394 0.12 4.76 13.97
N HIS B 395 -0.93 4.95 14.77
CA HIS B 395 -2.25 4.60 14.28
C HIS B 395 -3.25 5.63 14.78
N VAL B 396 -4.47 5.55 14.25
CA VAL B 396 -5.52 6.52 14.52
C VAL B 396 -6.78 5.73 14.85
N GLN B 397 -7.46 6.15 15.92
CA GLN B 397 -8.72 5.53 16.30
C GLN B 397 -9.80 6.60 16.40
N VAL B 398 -11.05 6.16 16.30
CA VAL B 398 -12.19 7.06 16.44
C VAL B 398 -13.22 6.39 17.33
N GLU B 399 -13.89 7.19 18.17
CA GLU B 399 -14.88 6.61 19.08
C GLU B 399 -16.25 6.57 18.39
N VAL B 400 -16.82 5.36 18.33
CA VAL B 400 -18.07 5.10 17.64
C VAL B 400 -18.98 4.31 18.58
N ASP B 401 -20.05 4.97 19.06
CA ASP B 401 -21.00 4.35 19.96
C ASP B 401 -20.28 3.73 21.15
N GLY B 402 -19.37 4.52 21.73
CA GLY B 402 -18.63 4.20 22.94
C GLY B 402 -17.58 3.10 22.72
N VAL B 403 -17.30 2.72 21.46
CA VAL B 403 -16.20 1.79 21.21
C VAL B 403 -15.13 2.47 20.36
N TRP B 404 -13.86 2.39 20.82
CA TRP B 404 -12.76 2.94 20.06
C TRP B 404 -12.42 2.00 18.91
N GLN B 405 -12.60 2.50 17.68
CA GLN B 405 -12.46 1.66 16.50
C GLN B 405 -11.31 2.21 15.68
N GLU B 406 -10.65 1.35 14.90
CA GLU B 406 -9.52 1.87 14.16
C GLU B 406 -10.03 2.69 12.99
N PHE B 407 -9.26 3.73 12.68
CA PHE B 407 -9.50 4.56 11.51
C PHE B 407 -8.46 4.15 10.47
N GLY B 408 -7.20 4.03 10.92
CA GLY B 408 -6.14 3.59 10.02
C GLY B 408 -4.81 3.56 10.75
N SER B 409 -3.76 3.14 10.03
CA SER B 409 -2.43 3.09 10.62
C SER B 409 -1.41 3.38 9.54
N GLY B 410 -0.20 3.71 9.98
CA GLY B 410 0.90 3.87 9.03
C GLY B 410 2.26 3.70 9.71
N HIS B 411 3.29 3.97 8.93
CA HIS B 411 4.67 3.97 9.38
C HIS B 411 5.12 5.41 9.63
N THR B 412 5.52 6.09 8.56
CA THR B 412 6.10 7.42 8.66
C THR B 412 5.04 8.52 8.61
N VAL B 413 5.47 9.71 9.07
CA VAL B 413 4.68 10.91 8.85
C VAL B 413 5.41 11.81 7.86
N GLY B 414 6.58 12.32 8.24
CA GLY B 414 7.37 13.13 7.32
C GLY B 414 6.87 14.57 7.30
N TYR B 415 7.08 15.24 6.16
CA TYR B 415 6.67 16.63 6.02
C TYR B 415 5.15 16.74 6.16
N LYS B 416 4.44 15.81 5.52
CA LYS B 416 2.98 15.79 5.57
C LYS B 416 2.50 14.38 5.28
N ARG B 417 1.57 13.89 6.11
CA ARG B 417 0.98 12.58 5.86
C ARG B 417 -0.54 12.74 5.85
N LEU B 418 -1.17 12.36 4.74
CA LEU B 418 -2.61 12.22 4.71
C LEU B 418 -2.90 10.73 4.89
N LEU B 419 -3.85 10.42 5.75
CA LEU B 419 -4.28 9.05 5.87
C LEU B 419 -5.81 9.00 5.73
N ARG B 420 -6.30 8.29 4.71
CA ARG B 420 -7.74 8.17 4.53
C ARG B 420 -8.27 6.97 5.33
N GLY B 421 -9.54 7.09 5.72
CA GLY B 421 -10.28 5.98 6.33
C GLY B 421 -11.72 5.97 5.84
N ALA B 422 -12.52 5.01 6.31
CA ALA B 422 -13.94 5.04 5.97
C ALA B 422 -14.55 6.34 6.48
N VAL B 423 -15.53 6.89 5.75
CA VAL B 423 -16.23 8.07 6.23
C VAL B 423 -16.91 7.75 7.57
N VAL B 424 -16.67 8.60 8.58
CA VAL B 424 -17.14 8.38 9.94
C VAL B 424 -17.68 9.70 10.48
N GLU B 425 -18.72 9.61 11.33
CA GLU B 425 -19.12 10.75 12.12
C GLU B 425 -18.64 10.53 13.55
N ALA B 426 -17.74 11.38 14.02
CA ALA B 426 -17.16 11.21 15.33
C ALA B 426 -16.81 12.58 15.92
N GLN B 427 -16.78 12.63 17.24
CA GLN B 427 -16.36 13.78 18.02
C GLN B 427 -14.97 13.55 18.62
N LYS B 428 -14.59 12.28 18.84
CA LYS B 428 -13.35 11.99 19.55
C LYS B 428 -12.45 11.08 18.73
N ILE B 429 -11.18 11.49 18.60
CA ILE B 429 -10.20 10.81 17.78
C ILE B 429 -8.94 10.63 18.63
N ARG B 430 -8.22 9.50 18.41
CA ARG B 430 -6.94 9.36 19.08
C ARG B 430 -5.85 9.15 18.04
N VAL B 431 -4.74 9.86 18.20
CA VAL B 431 -3.56 9.63 17.39
C VAL B 431 -2.54 9.01 18.33
N VAL B 432 -2.05 7.82 17.96
CA VAL B 432 -1.19 7.09 18.88
C VAL B 432 0.14 6.84 18.18
N ILE B 433 1.23 7.36 18.75
CA ILE B 433 2.58 7.20 18.20
C ILE B 433 3.24 6.05 18.93
N THR B 434 3.64 5.00 18.17
CA THR B 434 4.04 3.75 18.81
C THR B 434 5.52 3.42 18.56
N GLU B 435 6.13 4.10 17.59
N GLU B 435 6.14 4.06 17.57
CA GLU B 435 7.54 3.88 17.27
CA GLU B 435 7.57 3.89 17.34
C GLU B 435 8.12 5.21 16.76
C GLU B 435 8.11 5.20 16.79
N SER B 436 9.29 5.61 17.28
CA SER B 436 9.88 6.87 16.87
C SER B 436 11.38 6.86 17.11
N GLN B 437 12.17 7.44 16.20
CA GLN B 437 13.63 7.36 16.28
C GLN B 437 14.20 8.30 17.35
N ALA B 438 13.39 9.27 17.75
CA ALA B 438 13.73 10.24 18.80
C ALA B 438 12.40 10.82 19.29
N LEU B 439 12.42 11.63 20.35
CA LEU B 439 11.14 12.06 20.90
C LEU B 439 10.32 12.72 19.79
N PRO B 440 9.03 12.35 19.63
CA PRO B 440 8.26 12.84 18.49
C PRO B 440 7.83 14.31 18.62
N LEU B 441 7.80 14.99 17.48
CA LEU B 441 7.16 16.29 17.35
C LEU B 441 6.09 16.22 16.27
N LEU B 442 4.99 16.98 16.46
CA LEU B 442 4.06 17.21 15.36
C LEU B 442 3.75 18.71 15.33
N THR B 443 3.53 19.25 14.13
CA THR B 443 3.23 20.66 14.00
C THR B 443 1.73 20.89 13.83
N LYS B 444 0.98 19.84 13.45
CA LYS B 444 -0.40 20.02 13.08
C LYS B 444 -1.10 18.67 12.97
N ILE B 445 -2.37 18.62 13.38
CA ILE B 445 -3.29 17.56 13.02
C ILE B 445 -4.51 18.27 12.43
N SER B 446 -4.90 17.83 11.22
CA SER B 446 -6.08 18.32 10.52
C SER B 446 -6.97 17.16 10.12
N LEU B 447 -8.26 17.45 9.90
CA LEU B 447 -9.22 16.46 9.45
C LEU B 447 -9.99 17.04 8.28
N TYR B 448 -10.24 16.22 7.25
CA TYR B 448 -11.00 16.64 6.08
C TYR B 448 -12.00 15.57 5.65
N LYS B 449 -13.00 16.02 4.88
CA LYS B 449 -13.85 15.14 4.11
C LYS B 449 -13.52 15.29 2.62
N THR B 450 -13.24 14.17 1.97
CA THR B 450 -12.98 14.15 0.53
C THR B 450 -14.23 14.64 -0.22
N PRO B 451 -14.07 15.52 -1.24
N PRO B 451 -14.08 15.09 -1.50
CA PRO B 451 -15.20 15.90 -2.07
CA PRO B 451 -15.24 15.33 -2.35
C PRO B 451 -15.53 14.78 -3.07
C PRO B 451 -15.90 13.99 -2.71
C1 NDG C . -12.21 -2.64 18.44
C2 NDG C . -12.81 -3.85 17.71
C3 NDG C . -12.08 -5.14 18.09
C4 NDG C . -10.54 -4.98 17.86
C5 NDG C . -10.06 -3.67 18.50
C6 NDG C . -8.68 -3.41 17.86
C7 NDG C . -15.21 -3.58 17.14
C8 NDG C . -16.63 -3.60 17.62
O5 NDG C . -10.81 -2.54 18.04
O3 NDG C . -12.61 -6.21 17.26
O4 NDG C . -9.93 -6.04 18.61
O6 NDG C . -8.06 -2.32 18.54
O7 NDG C . -14.92 -3.23 16.00
N2 NDG C . -14.25 -3.93 18.02
O1 NDG C . -12.27 -2.84 19.83
C1 GAL C . -8.91 -6.75 17.85
C2 GAL C . -8.03 -7.41 18.93
C3 GAL C . -7.15 -8.52 18.33
C4 GAL C . -7.94 -9.43 17.38
C5 GAL C . -8.68 -8.53 16.37
C6 GAL C . -9.49 -9.29 15.35
O2 GAL C . -7.16 -6.41 19.49
O3 GAL C . -6.51 -9.28 19.38
O4 GAL C . -8.91 -10.23 18.10
O5 GAL C . -9.64 -7.75 17.12
O6 GAL C . -9.96 -8.37 14.33
C1 FUC C . -6.97 -6.54 20.91
C2 FUC C . -5.57 -5.96 21.20
C3 FUC C . -5.62 -4.42 21.01
C4 FUC C . -6.68 -3.80 21.90
C5 FUC C . -8.01 -4.42 21.53
C6 FUC C . -9.18 -3.92 22.37
O2 FUC C . -4.65 -6.56 20.33
O3 FUC C . -4.36 -3.79 21.29
O4 FUC C . -6.41 -4.03 23.30
O5 FUC C . -7.87 -5.83 21.72
C1 FUC C . -12.84 -7.46 17.85
C2 FUC C . -14.17 -7.65 18.54
C3 FUC C . -15.27 -7.41 17.52
C4 FUC C . -15.19 -8.46 16.41
C5 FUC C . -13.78 -8.39 15.78
C6 FUC C . -13.53 -9.51 14.79
O2 FUC C . -14.25 -6.67 19.60
O3 FUC C . -16.55 -7.46 18.17
O4 FUC C . -15.47 -9.78 16.99
O5 FUC C . -12.71 -8.43 16.80
C1 NDG D . 12.42 2.85 -18.76
C2 NDG D . 11.95 4.29 -18.67
C3 NDG D . 13.04 5.13 -18.00
C4 NDG D . 13.39 4.51 -16.64
C5 NDG D . 13.60 2.99 -16.65
C6 NDG D . 13.50 2.41 -15.25
C7 NDG D . 10.44 4.80 -20.52
C8 NDG D . 10.34 5.15 -21.97
O5 NDG D . 12.56 2.31 -17.40
O3 NDG D . 12.45 6.44 -17.83
O4 NDG D . 14.64 5.07 -16.21
O6 NDG D . 14.04 1.09 -15.33
O7 NDG D . 9.45 4.62 -19.82
N2 NDG D . 11.70 4.73 -20.03
O1 NDG D . 13.60 2.72 -19.55
C1 GAL D . 14.59 5.50 -14.83
C2 GAL D . 16.06 5.60 -14.38
C3 GAL D . 16.19 6.47 -13.13
C4 GAL D . 15.40 7.78 -13.24
C5 GAL D . 13.96 7.44 -13.62
C6 GAL D . 13.03 8.64 -13.70
O2 GAL D . 16.49 4.25 -14.18
O3 GAL D . 17.57 6.80 -12.89
O4 GAL D . 15.99 8.64 -14.23
O5 GAL D . 14.06 6.83 -14.93
O6 GAL D . 11.65 8.26 -13.68
C1 FUC D . 17.87 4.01 -14.51
C2 FUC D . 18.37 2.99 -13.47
C3 FUC D . 17.55 1.72 -13.70
C4 FUC D . 17.71 1.23 -15.12
C5 FUC D . 17.28 2.34 -16.11
C6 FUC D . 17.46 2.06 -17.60
O2 FUC D . 18.07 3.47 -12.17
O3 FUC D . 17.84 0.76 -12.66
O4 FUC D . 19.09 0.92 -15.35
O5 FUC D . 18.05 3.51 -15.83
C1 FUC D . 13.30 7.49 -18.01
C2 FUC D . 13.46 7.96 -19.46
C3 FUC D . 12.07 8.36 -19.97
C4 FUC D . 11.57 9.56 -19.17
C5 FUC D . 11.55 9.17 -17.67
C6 FUC D . 11.18 10.35 -16.79
O2 FUC D . 14.05 6.90 -20.24
O3 FUC D . 12.23 8.62 -21.38
O4 FUC D . 12.40 10.73 -19.42
O5 FUC D . 12.79 8.60 -17.23
C1 EDO E . 3.75 -24.89 12.51
O1 EDO E . 4.39 -24.44 11.33
C2 EDO E . 2.49 -24.18 12.83
O2 EDO E . 1.61 -24.88 13.69
C1 EDO F . 1.77 -23.14 20.43
O1 EDO F . 2.28 -22.41 21.53
C2 EDO F . 1.59 -24.57 20.75
O2 EDO F . 1.39 -24.86 22.14
C1 EDO G . -17.83 -10.64 37.70
O1 EDO G . -19.25 -10.50 37.66
C2 EDO G . -17.29 -11.01 39.04
O2 EDO G . -17.43 -9.88 39.91
C1 EDO H . -37.88 -13.13 4.68
O1 EDO H . -37.53 -12.77 6.04
C2 EDO H . -38.44 -12.01 3.91
O2 EDO H . -39.48 -11.31 4.59
C1 EDO I . -8.34 -1.65 0.48
O1 EDO I . -7.08 -1.57 -0.15
C2 EDO I . -8.26 -2.40 1.75
O2 EDO I . -7.31 -3.47 1.71
C1 EDO J . -36.60 -22.29 10.43
O1 EDO J . -36.24 -21.29 11.33
C2 EDO J . -37.96 -22.00 10.00
O2 EDO J . -38.72 -21.77 11.17
C1 EDO K . -28.49 -14.02 -7.36
O1 EDO K . -28.20 -15.36 -7.70
C2 EDO K . -29.03 -13.89 -5.98
O2 EDO K . -28.68 -12.66 -5.34
C1 EDO L . -3.42 -17.25 0.64
O1 EDO L . -4.64 -17.74 1.09
C2 EDO L . -3.78 -16.65 -0.64
O2 EDO L . -2.77 -16.01 -1.21
C1 EDO M . -1.02 22.18 1.27
O1 EDO M . -1.81 21.70 0.18
C2 EDO M . -1.68 23.07 2.28
O2 EDO M . -2.92 22.60 2.80
C1 EDO N . 33.32 22.57 -26.22
O1 EDO N . 34.36 22.03 -25.42
C2 EDO N . 32.02 21.96 -25.86
O2 EDO N . 31.89 20.63 -26.34
C1 EDO O . 26.68 16.20 -2.80
O1 EDO O . 26.52 17.52 -3.28
C2 EDO O . 26.60 15.25 -3.92
O2 EDO O . 27.80 14.54 -4.09
C1 EDO P . 11.58 8.90 23.09
O1 EDO P . 10.84 8.26 22.06
C2 EDO P . 10.71 9.54 24.10
O2 EDO P . 9.48 10.07 23.60
C1 EDO Q . 5.97 31.38 -27.35
O1 EDO Q . 5.74 30.00 -27.20
C2 EDO Q . 4.81 32.17 -26.92
O2 EDO Q . 4.58 31.93 -25.54
C1 EDO R . -13.51 10.50 -12.31
O1 EDO R . -12.61 9.44 -12.00
C2 EDO R . -14.37 10.88 -11.17
O2 EDO R . -13.73 10.54 -9.95
#